data_2ZWP
#
_entry.id   2ZWP
#
_cell.length_a   50.575
_cell.length_b   87.736
_cell.length_c   155.485
_cell.angle_alpha   90.00
_cell.angle_beta   90.00
_cell.angle_gamma   90.00
#
_symmetry.space_group_name_H-M   'P 21 21 21'
#
loop_
_entity.id
_entity.type
_entity.pdbx_description
1 polymer Tk-subtilisin
2 non-polymer 'CALCIUM ION'
3 water water
#
_entity_poly.entity_id   1
_entity_poly.type   'polypeptide(L)'
_entity_poly.pdbx_seq_one_letter_code
;GEQNTIRVIVSVDKAKFNPHEVLGIGGHIVYQFKLIPAVVVDVPANAVGKLKKMPGVEKVEFDHQAVLLGKPSWLGGGST
QPAQTIPWGIERVKAPSVWSITDGSVSVIQVAVLDTGVDYDHPDLAANIAWCVSTLRGKVSTKLRDCADQNGHGTHVIGT
IAALNNDIGVVGVAPGVQIYSVRVLDARGSGSYSDIAIGIEQAILGPDGVADKDGDGIIAGDPDADAAEVISMSLGGPAD
DSYLYDMIIQAYNAGIVIVAASGNEGAPSPSYPAAYPEVIAVGAIDSNDNIASFSNRQPEVSAPGVDILSTYPDDSYETL
MGTAMATPHVSGVVALIQAAYYQKYGKILPVGTFDDISKNTVRGILHITADDLGPTGWDADYGYGVVRAALAVQAALG
;
_entity_poly.pdbx_strand_id   A,B
#
loop_
_chem_comp.id
_chem_comp.type
_chem_comp.name
_chem_comp.formula
CA non-polymer 'CALCIUM ION' 'Ca 2'
#
# COMPACT_ATOMS: atom_id res chain seq x y z
N THR A 5 7.36 -17.84 9.09
CA THR A 5 6.27 -17.78 8.02
C THR A 5 6.68 -17.18 6.66
N ILE A 6 6.66 -18.02 5.64
CA ILE A 6 7.14 -17.61 4.33
C ILE A 6 6.04 -17.84 3.30
N ARG A 7 6.10 -17.11 2.17
CA ARG A 7 5.19 -17.31 1.06
C ARG A 7 5.83 -18.07 -0.07
N VAL A 8 5.12 -19.05 -0.57
CA VAL A 8 5.66 -20.03 -1.44
C VAL A 8 4.63 -20.34 -2.52
N ILE A 9 5.05 -20.86 -3.64
CA ILE A 9 4.13 -21.16 -4.71
C ILE A 9 4.29 -22.62 -5.11
N VAL A 10 3.18 -23.37 -5.00
CA VAL A 10 3.18 -24.84 -5.16
C VAL A 10 2.51 -25.26 -6.45
N SER A 11 3.26 -25.91 -7.32
CA SER A 11 2.75 -26.49 -8.55
C SER A 11 2.29 -27.86 -8.17
N VAL A 12 1.27 -28.33 -8.88
CA VAL A 12 0.35 -29.34 -8.35
C VAL A 12 -0.34 -30.25 -9.40
N ASP A 13 -0.75 -31.44 -8.95
CA ASP A 13 -1.70 -32.34 -9.65
C ASP A 13 -3.06 -31.92 -9.14
N LYS A 14 -3.81 -31.22 -9.99
CA LYS A 14 -5.13 -30.72 -9.60
C LYS A 14 -6.00 -31.87 -9.05
N ALA A 15 -5.90 -33.06 -9.65
CA ALA A 15 -6.75 -34.23 -9.29
C ALA A 15 -6.25 -35.14 -8.12
N LYS A 16 -5.18 -34.74 -7.46
CA LYS A 16 -4.63 -35.44 -6.29
C LYS A 16 -4.37 -34.47 -5.17
N PHE A 17 -4.60 -33.18 -5.40
CA PHE A 17 -4.30 -32.15 -4.39
C PHE A 17 -5.53 -31.59 -3.66
N ASN A 18 -5.44 -31.61 -2.34
CA ASN A 18 -6.49 -31.10 -1.46
C ASN A 18 -5.94 -29.87 -0.75
N PRO A 19 -6.38 -28.66 -1.15
CA PRO A 19 -5.90 -27.40 -0.55
C PRO A 19 -5.98 -27.30 0.96
N HIS A 20 -6.98 -27.95 1.58
CA HIS A 20 -7.12 -27.91 3.04
C HIS A 20 -5.94 -28.54 3.77
N GLU A 21 -5.18 -29.41 3.09
CA GLU A 21 -4.06 -30.08 3.75
C GLU A 21 -2.96 -29.10 4.25
N VAL A 22 -2.83 -27.92 3.63
CA VAL A 22 -1.79 -26.96 4.06
C VAL A 22 -2.13 -26.42 5.42
N LEU A 23 -3.44 -26.40 5.72
CA LEU A 23 -3.94 -25.81 6.97
C LEU A 23 -3.58 -26.69 8.18
N GLY A 24 -3.54 -28.00 7.96
CA GLY A 24 -3.11 -28.91 9.01
C GLY A 24 -1.64 -28.86 9.41
N ILE A 25 -0.86 -28.00 8.72
CA ILE A 25 0.58 -27.84 8.98
C ILE A 25 0.96 -26.41 9.34
N GLY A 26 -0.02 -25.57 9.69
CA GLY A 26 0.22 -24.16 9.99
C GLY A 26 0.06 -23.27 8.77
N GLY A 27 -0.50 -23.84 7.70
CA GLY A 27 -0.52 -23.18 6.41
C GLY A 27 -1.78 -22.41 6.07
N HIS A 28 -1.66 -21.52 5.10
CA HIS A 28 -2.78 -20.76 4.56
C HIS A 28 -2.71 -20.62 3.02
N ILE A 29 -3.80 -21.02 2.35
CA ILE A 29 -4.05 -20.70 0.93
C ILE A 29 -4.28 -19.18 0.72
N VAL A 30 -3.29 -18.50 0.13
CA VAL A 30 -3.44 -17.13 -0.34
C VAL A 30 -4.28 -16.95 -1.65
N TYR A 31 -3.90 -17.64 -2.73
CA TYR A 31 -4.56 -17.56 -4.01
C TYR A 31 -4.40 -18.87 -4.74
N GLN A 32 -5.46 -19.38 -5.37
CA GLN A 32 -5.36 -20.58 -6.24
C GLN A 32 -5.56 -20.13 -7.70
N PHE A 33 -4.55 -20.33 -8.55
CA PHE A 33 -4.62 -19.90 -9.92
C PHE A 33 -5.73 -20.65 -10.62
N LYS A 34 -6.47 -19.94 -11.48
CA LYS A 34 -7.49 -20.55 -12.32
C LYS A 34 -6.98 -21.09 -13.65
N LEU A 35 -5.82 -20.62 -14.09
CA LEU A 35 -5.34 -20.94 -15.41
C LEU A 35 -4.09 -21.80 -15.33
N ILE A 36 -3.40 -21.75 -14.17
CA ILE A 36 -2.38 -22.72 -13.90
C ILE A 36 -2.65 -23.59 -12.64
N PRO A 37 -2.16 -24.85 -12.65
CA PRO A 37 -2.31 -25.76 -11.51
C PRO A 37 -1.29 -25.48 -10.43
N ALA A 38 -1.53 -24.42 -9.68
CA ALA A 38 -0.58 -23.92 -8.67
C ALA A 38 -1.36 -23.23 -7.58
N VAL A 39 -0.77 -23.08 -6.39
CA VAL A 39 -1.44 -22.36 -5.29
C VAL A 39 -0.44 -21.41 -4.62
N VAL A 40 -0.85 -20.20 -4.30
CA VAL A 40 0.00 -19.34 -3.50
C VAL A 40 -0.31 -19.61 -2.01
N VAL A 41 0.69 -20.04 -1.25
CA VAL A 41 0.46 -20.44 0.13
C VAL A 41 1.46 -19.80 1.07
N ASP A 42 0.96 -19.28 2.19
CA ASP A 42 1.79 -18.93 3.34
C ASP A 42 1.95 -20.12 4.27
N VAL A 43 3.19 -20.49 4.61
CA VAL A 43 3.47 -21.62 5.50
C VAL A 43 4.52 -21.19 6.55
N PRO A 44 4.64 -21.91 7.67
CA PRO A 44 5.89 -21.80 8.42
C PRO A 44 7.19 -22.15 7.66
N ALA A 45 8.27 -21.44 7.93
CA ALA A 45 9.58 -21.75 7.34
C ALA A 45 10.02 -23.22 7.58
N ASN A 46 9.97 -23.67 8.84
CA ASN A 46 10.27 -25.08 9.19
C ASN A 46 9.33 -26.10 8.50
N ALA A 47 8.27 -25.62 7.84
CA ALA A 47 7.24 -26.56 7.32
C ALA A 47 7.40 -26.95 5.85
N VAL A 48 8.47 -26.49 5.20
CA VAL A 48 8.63 -26.68 3.76
C VAL A 48 8.84 -28.12 3.28
N GLY A 49 9.61 -28.92 4.04
CA GLY A 49 9.71 -30.37 3.82
C GLY A 49 8.37 -31.10 3.95
N LYS A 50 7.56 -30.72 4.94
CA LYS A 50 6.20 -31.28 5.05
C LYS A 50 5.44 -31.03 3.75
N LEU A 51 5.43 -29.78 3.29
CA LEU A 51 4.60 -29.42 2.14
C LEU A 51 5.01 -30.21 0.88
N LYS A 52 6.32 -30.42 0.71
CA LYS A 52 6.85 -31.12 -0.45
C LYS A 52 6.36 -32.57 -0.53
N LYS A 53 5.95 -33.14 0.60
CA LYS A 53 5.62 -34.57 0.62
C LYS A 53 4.12 -34.86 0.60
N MET A 54 3.32 -33.82 0.85
CA MET A 54 1.87 -33.84 0.66
C MET A 54 1.42 -34.30 -0.71
N PRO A 55 0.28 -35.04 -0.75
CA PRO A 55 -0.29 -35.60 -1.99
C PRO A 55 -0.67 -34.54 -3.04
N GLY A 56 -0.37 -34.86 -4.29
CA GLY A 56 -0.55 -33.90 -5.40
C GLY A 56 0.46 -32.76 -5.50
N VAL A 57 1.48 -32.71 -4.62
CA VAL A 57 2.50 -31.63 -4.63
C VAL A 57 3.65 -31.97 -5.56
N GLU A 58 3.83 -31.20 -6.64
CA GLU A 58 4.89 -31.50 -7.61
C GLU A 58 6.14 -30.64 -7.48
N LYS A 59 6.04 -29.47 -6.88
CA LYS A 59 7.18 -28.56 -6.84
C LYS A 59 6.77 -27.46 -5.90
N VAL A 60 7.70 -26.96 -5.10
CA VAL A 60 7.48 -25.77 -4.24
C VAL A 60 8.53 -24.73 -4.68
N GLU A 61 8.12 -23.57 -5.21
CA GLU A 61 9.13 -22.48 -5.44
C GLU A 61 8.97 -21.33 -4.41
N PHE A 62 10.04 -20.63 -4.17
CA PHE A 62 10.00 -19.51 -3.29
C PHE A 62 9.51 -18.26 -4.09
N ASP A 63 9.18 -17.20 -3.38
CA ASP A 63 8.59 -16.02 -3.99
C ASP A 63 9.72 -15.01 -4.17
N HIS A 64 10.01 -14.66 -5.41
CA HIS A 64 11.09 -13.72 -5.67
C HIS A 64 10.63 -12.28 -5.91
N GLN A 65 11.60 -11.42 -6.11
CA GLN A 65 11.40 -10.00 -6.30
C GLN A 65 11.64 -9.58 -7.74
N ALA A 66 10.67 -8.83 -8.29
CA ALA A 66 10.89 -8.10 -9.51
C ALA A 66 10.85 -6.61 -9.17
N VAL A 67 11.50 -5.81 -10.00
CA VAL A 67 11.62 -4.39 -9.72
C VAL A 67 11.23 -3.49 -10.93
N LEU A 68 10.91 -2.24 -10.66
CA LEU A 68 10.65 -1.25 -11.74
C LEU A 68 11.95 -0.93 -12.51
N LEU A 69 11.83 -0.49 -13.75
CA LEU A 69 12.99 -0.34 -14.64
C LEU A 69 13.06 1.05 -15.34
N GLY A 70 12.58 2.08 -14.63
CA GLY A 70 12.55 3.44 -15.11
C GLY A 70 12.91 4.34 -13.95
N LYS A 71 13.60 5.43 -14.24
CA LYS A 71 14.13 6.32 -13.24
C LYS A 71 14.23 7.72 -13.81
N PRO A 72 14.37 8.75 -12.94
CA PRO A 72 14.50 10.16 -13.34
C PRO A 72 15.50 10.39 -14.46
N SER A 73 15.09 11.13 -15.47
CA SER A 73 15.99 11.33 -16.60
C SER A 73 16.91 12.50 -16.41
N TRP A 74 17.73 12.70 -17.45
CA TRP A 74 18.85 13.62 -17.45
C TRP A 74 18.76 15.08 -16.92
N LEU A 75 17.97 16.05 -17.43
CA LEU A 75 16.66 16.07 -18.17
C LEU A 75 15.54 15.05 -17.90
N GLN A 81 4.69 24.79 -21.16
CA GLN A 81 3.68 24.62 -22.21
C GLN A 81 2.22 24.28 -21.72
N PRO A 82 1.27 25.29 -21.72
CA PRO A 82 -0.15 24.90 -21.56
C PRO A 82 -0.73 24.45 -22.90
N ALA A 83 -0.30 23.26 -23.32
CA ALA A 83 -0.65 22.70 -24.62
C ALA A 83 -0.20 21.26 -24.64
N GLN A 84 -0.43 20.56 -25.73
CA GLN A 84 0.04 19.19 -25.86
C GLN A 84 1.43 19.17 -26.48
N THR A 85 2.38 18.55 -25.79
CA THR A 85 3.66 18.18 -26.44
C THR A 85 3.54 16.74 -27.03
N ILE A 86 4.06 16.53 -28.24
CA ILE A 86 4.31 15.14 -28.69
C ILE A 86 5.74 14.72 -28.24
N PRO A 87 5.86 13.82 -27.25
CA PRO A 87 7.22 13.35 -26.89
C PRO A 87 7.99 12.81 -28.09
N TRP A 88 9.32 12.99 -28.09
CA TRP A 88 10.13 12.63 -29.22
C TRP A 88 9.86 11.20 -29.60
N GLY A 89 9.71 10.33 -28.59
CA GLY A 89 9.71 8.92 -28.80
C GLY A 89 8.48 8.47 -29.56
N ILE A 90 7.39 9.20 -29.35
CA ILE A 90 6.17 9.01 -30.09
C ILE A 90 6.45 9.26 -31.56
N GLU A 91 7.13 10.36 -31.90
CA GLU A 91 7.57 10.57 -33.26
C GLU A 91 8.58 9.56 -33.79
N ARG A 92 9.53 9.10 -32.96
CA ARG A 92 10.52 8.07 -33.41
C ARG A 92 9.90 6.76 -33.98
N VAL A 93 8.87 6.29 -33.30
CA VAL A 93 8.14 5.06 -33.68
C VAL A 93 7.03 5.23 -34.70
N LYS A 94 6.86 6.46 -35.19
CA LYS A 94 6.00 6.77 -36.35
C LYS A 94 4.54 6.35 -36.06
N ALA A 95 4.07 6.80 -34.90
CA ALA A 95 2.73 6.69 -34.43
C ALA A 95 1.75 7.77 -35.03
N PRO A 96 2.08 9.10 -34.93
CA PRO A 96 1.10 10.06 -35.45
C PRO A 96 0.46 9.71 -36.79
N SER A 97 1.23 9.20 -37.76
CA SER A 97 0.71 9.09 -39.11
C SER A 97 -0.39 8.01 -39.18
N VAL A 98 -0.45 7.16 -38.16
CA VAL A 98 -1.33 6.03 -38.16
C VAL A 98 -2.77 6.36 -37.80
N TRP A 99 -2.93 7.54 -37.18
CA TRP A 99 -4.09 7.84 -36.35
C TRP A 99 -5.36 8.09 -37.15
N SER A 100 -5.14 8.30 -38.45
CA SER A 100 -6.23 8.42 -39.43
C SER A 100 -6.69 7.08 -39.93
N ILE A 101 -5.96 6.00 -39.63
CA ILE A 101 -6.51 4.65 -39.86
C ILE A 101 -7.08 4.05 -38.58
N THR A 102 -6.35 4.27 -37.48
CA THR A 102 -6.83 3.98 -36.11
C THR A 102 -5.96 4.67 -35.06
N ASP A 103 -6.60 5.08 -33.98
CA ASP A 103 -5.92 5.42 -32.76
C ASP A 103 -5.91 4.28 -31.67
N GLY A 104 -6.34 3.06 -32.02
CA GLY A 104 -6.43 1.93 -31.05
C GLY A 104 -7.76 1.79 -30.31
N SER A 105 -8.68 2.73 -30.51
CA SER A 105 -9.99 2.68 -29.84
C SER A 105 -10.99 1.72 -30.54
N VAL A 106 -10.51 0.58 -31.01
CA VAL A 106 -11.36 -0.50 -31.45
C VAL A 106 -11.76 -1.25 -30.17
N SER A 107 -13.07 -1.51 -30.02
CA SER A 107 -13.61 -1.87 -28.70
C SER A 107 -13.19 -3.24 -28.10
N VAL A 108 -12.53 -4.06 -28.91
CA VAL A 108 -12.26 -5.47 -28.51
C VAL A 108 -10.82 -5.57 -28.06
N ILE A 109 -10.05 -4.52 -28.39
CA ILE A 109 -8.65 -4.35 -28.01
C ILE A 109 -8.43 -3.59 -26.67
N GLN A 110 -7.75 -4.25 -25.74
CA GLN A 110 -7.24 -3.67 -24.47
C GLN A 110 -5.78 -4.03 -24.25
N VAL A 111 -5.05 -3.12 -23.66
CA VAL A 111 -3.63 -3.32 -23.35
C VAL A 111 -3.58 -3.39 -21.84
N ALA A 112 -3.04 -4.50 -21.31
CA ALA A 112 -2.87 -4.63 -19.83
C ALA A 112 -1.48 -4.16 -19.41
N VAL A 113 -1.40 -3.25 -18.43
CA VAL A 113 -0.16 -2.71 -17.95
C VAL A 113 0.02 -3.04 -16.46
N LEU A 114 0.87 -4.04 -16.21
CA LEU A 114 1.22 -4.48 -14.86
C LEU A 114 2.43 -3.71 -14.28
N ASP A 115 2.18 -2.90 -13.28
CA ASP A 115 3.13 -1.86 -12.89
C ASP A 115 2.72 -1.41 -11.49
N THR A 116 2.88 -0.13 -11.22
CA THR A 116 2.68 0.44 -9.90
C THR A 116 1.27 1.01 -9.67
N GLY A 117 0.40 0.94 -10.68
CA GLY A 117 -0.91 1.54 -10.63
C GLY A 117 -0.94 2.80 -11.52
N VAL A 118 -2.10 3.46 -11.59
CA VAL A 118 -2.30 4.67 -12.34
C VAL A 118 -2.96 5.75 -11.44
N ASP A 119 -2.59 6.99 -11.72
CA ASP A 119 -3.37 8.18 -11.39
C ASP A 119 -4.67 8.12 -12.20
N TYR A 120 -5.67 7.42 -11.69
CA TYR A 120 -6.77 6.95 -12.55
C TYR A 120 -7.67 8.09 -13.01
N ASP A 121 -7.54 9.27 -12.41
CA ASP A 121 -8.34 10.39 -12.83
C ASP A 121 -7.49 11.47 -13.51
N HIS A 122 -6.35 11.10 -14.09
CA HIS A 122 -5.45 12.11 -14.65
C HIS A 122 -6.24 12.72 -15.82
N PRO A 123 -6.28 14.06 -15.93
CA PRO A 123 -7.02 14.66 -17.07
C PRO A 123 -6.56 14.06 -18.41
N ASP A 124 -5.30 13.63 -18.53
CA ASP A 124 -4.79 13.15 -19.86
C ASP A 124 -4.79 11.67 -19.99
N LEU A 125 -5.42 10.98 -19.05
CA LEU A 125 -5.42 9.51 -19.06
C LEU A 125 -6.80 8.98 -18.96
N ALA A 126 -7.60 9.61 -18.10
CA ALA A 126 -8.83 9.01 -17.51
C ALA A 126 -9.89 8.42 -18.45
N ALA A 127 -10.17 9.10 -19.57
CA ALA A 127 -11.07 8.51 -20.58
C ALA A 127 -10.62 7.12 -21.11
N ASN A 128 -9.35 6.72 -21.00
CA ASN A 128 -8.90 5.34 -21.41
C ASN A 128 -8.73 4.24 -20.32
N ILE A 129 -8.93 4.58 -19.04
CA ILE A 129 -8.77 3.54 -18.07
C ILE A 129 -10.09 2.79 -18.01
N ALA A 130 -10.14 1.67 -18.76
CA ALA A 130 -11.24 0.70 -18.76
C ALA A 130 -11.39 -0.20 -17.51
N TRP A 131 -10.33 -0.40 -16.72
CA TRP A 131 -10.29 -1.31 -15.54
C TRP A 131 -9.12 -0.91 -14.66
N CYS A 132 -9.33 -0.84 -13.39
CA CYS A 132 -8.25 -0.41 -12.51
C CYS A 132 -8.18 -1.47 -11.42
N VAL A 133 -7.18 -2.33 -11.48
CA VAL A 133 -7.05 -3.39 -10.46
C VAL A 133 -5.72 -3.46 -9.75
N SER A 134 -5.67 -4.28 -8.70
CA SER A 134 -4.48 -4.49 -7.88
C SER A 134 -4.47 -5.92 -7.40
N THR A 135 -3.29 -6.50 -7.35
CA THR A 135 -3.12 -7.89 -6.93
C THR A 135 -2.07 -7.93 -5.87
N LEU A 136 -1.81 -6.76 -5.25
CA LEU A 136 -0.77 -6.64 -4.22
C LEU A 136 -1.08 -7.56 -3.04
N ARG A 137 -0.08 -8.30 -2.60
CA ARG A 137 -0.24 -9.23 -1.47
C ARG A 137 -1.17 -10.40 -1.75
N GLY A 138 -1.43 -10.69 -3.02
CA GLY A 138 -2.16 -11.92 -3.39
C GLY A 138 -3.66 -11.73 -3.29
N LYS A 139 -4.02 -10.49 -2.97
CA LYS A 139 -5.38 -10.02 -2.79
C LYS A 139 -5.81 -9.18 -4.02
N VAL A 140 -6.66 -9.73 -4.88
CA VAL A 140 -7.19 -8.97 -6.03
C VAL A 140 -8.22 -7.93 -5.55
N SER A 141 -7.88 -6.66 -5.74
CA SER A 141 -8.67 -5.54 -5.28
C SER A 141 -8.93 -4.53 -6.38
N THR A 142 -10.20 -4.20 -6.53
CA THR A 142 -10.73 -3.25 -7.50
C THR A 142 -11.01 -1.91 -6.81
N LYS A 143 -10.83 -1.86 -5.49
CA LYS A 143 -11.01 -0.60 -4.76
C LYS A 143 -9.98 0.39 -5.23
N LEU A 144 -10.36 1.66 -5.22
CA LEU A 144 -9.61 2.75 -5.86
C LEU A 144 -8.39 3.21 -5.07
N ARG A 145 -8.34 2.91 -3.78
CA ARG A 145 -7.15 3.18 -3.01
C ARG A 145 -6.12 2.06 -3.10
N ASP A 146 -6.51 0.93 -3.69
CA ASP A 146 -5.59 -0.22 -3.87
C ASP A 146 -4.95 -0.13 -5.25
N CYS A 147 -5.79 0.07 -6.27
CA CYS A 147 -5.42 0.29 -7.70
C CYS A 147 -4.66 1.61 -8.01
N ALA A 148 -4.76 2.62 -7.14
CA ALA A 148 -4.02 3.90 -7.31
C ALA A 148 -2.50 3.75 -7.23
N ASP A 149 -1.83 4.40 -8.18
CA ASP A 149 -0.37 4.52 -8.31
C ASP A 149 0.23 5.28 -7.13
N GLN A 150 1.06 4.58 -6.34
CA GLN A 150 1.75 5.24 -5.22
C GLN A 150 3.16 5.67 -5.58
N ASN A 151 3.66 5.27 -6.74
CA ASN A 151 5.04 5.58 -7.07
C ASN A 151 5.19 6.68 -8.13
N GLY A 152 4.52 6.47 -9.28
CA GLY A 152 4.58 7.37 -10.43
C GLY A 152 4.86 6.64 -11.75
N HIS A 153 5.50 5.50 -11.61
CA HIS A 153 6.08 4.80 -12.73
C HIS A 153 5.03 4.30 -13.68
N GLY A 154 4.02 3.58 -13.13
CA GLY A 154 2.92 3.04 -13.91
C GLY A 154 2.12 4.10 -14.66
N THR A 155 1.89 5.22 -14.00
CA THR A 155 1.25 6.38 -14.64
C THR A 155 2.03 6.84 -15.86
N HIS A 156 3.35 6.92 -15.71
CA HIS A 156 4.26 7.27 -16.80
C HIS A 156 4.19 6.25 -17.97
N VAL A 157 4.39 4.95 -17.71
CA VAL A 157 4.30 3.96 -18.78
C VAL A 157 2.95 3.90 -19.53
N ILE A 158 1.84 4.10 -18.80
CA ILE A 158 0.51 4.12 -19.37
C ILE A 158 0.34 5.33 -20.31
N GLY A 159 0.78 6.53 -19.89
CA GLY A 159 0.77 7.74 -20.75
C GLY A 159 1.55 7.60 -22.05
N THR A 160 2.56 6.75 -22.02
CA THR A 160 3.31 6.47 -23.22
C THR A 160 2.56 5.66 -24.24
N ILE A 161 1.80 4.64 -23.78
CA ILE A 161 0.89 3.85 -24.65
C ILE A 161 -0.36 4.64 -25.07
N ALA A 162 -0.87 5.52 -24.18
CA ALA A 162 -2.31 5.80 -24.19
C ALA A 162 -2.82 7.16 -23.73
N ALA A 163 -1.92 8.09 -23.50
CA ALA A 163 -2.25 9.50 -23.20
C ALA A 163 -3.10 10.07 -24.33
N LEU A 164 -4.15 10.78 -23.94
CA LEU A 164 -5.15 11.32 -24.84
C LEU A 164 -4.60 12.37 -25.74
N ASN A 165 -5.00 12.26 -26.99
CA ASN A 165 -4.74 13.27 -27.99
C ASN A 165 -5.78 14.43 -27.84
N ASN A 166 -5.40 15.50 -27.16
CA ASN A 166 -6.25 16.68 -26.84
C ASN A 166 -5.37 17.98 -26.83
N ASP A 167 -5.60 18.95 -25.96
CA ASP A 167 -4.74 20.13 -26.03
C ASP A 167 -3.91 20.37 -24.76
N ILE A 168 -3.73 19.26 -24.02
CA ILE A 168 -2.95 19.23 -22.77
C ILE A 168 -1.93 18.09 -22.85
N GLY A 169 -0.86 18.24 -22.05
CA GLY A 169 0.00 17.14 -21.69
C GLY A 169 0.85 16.59 -22.79
N VAL A 170 0.76 15.29 -22.98
CA VAL A 170 1.50 14.54 -23.99
C VAL A 170 0.49 13.79 -24.86
N VAL A 171 0.94 12.82 -25.63
CA VAL A 171 -0.03 12.01 -26.38
C VAL A 171 0.65 10.65 -26.43
N GLY A 172 -0.14 9.58 -26.31
CA GLY A 172 0.38 8.22 -26.40
C GLY A 172 0.57 7.76 -27.82
N VAL A 173 1.23 6.59 -27.95
CA VAL A 173 1.38 5.85 -29.23
C VAL A 173 0.02 5.43 -29.85
N ALA A 174 -0.88 4.95 -28.96
CA ALA A 174 -2.24 4.52 -29.27
C ALA A 174 -3.16 5.35 -28.40
N PRO A 175 -3.49 6.60 -28.81
CA PRO A 175 -4.11 7.46 -27.75
C PRO A 175 -5.62 7.18 -27.59
N GLY A 176 -6.15 6.21 -28.34
CA GLY A 176 -7.53 5.77 -28.17
C GLY A 176 -7.75 4.42 -27.49
N VAL A 177 -6.67 3.65 -27.28
CA VAL A 177 -6.70 2.33 -26.62
C VAL A 177 -7.17 2.27 -25.15
N GLN A 178 -8.08 1.35 -24.88
CA GLN A 178 -8.46 0.95 -23.53
C GLN A 178 -7.28 0.31 -22.81
N ILE A 179 -7.06 0.76 -21.60
CA ILE A 179 -5.95 0.34 -20.79
C ILE A 179 -6.49 -0.34 -19.54
N TYR A 180 -5.91 -1.48 -19.15
CA TYR A 180 -6.21 -2.07 -17.85
C TYR A 180 -5.00 -1.83 -16.96
N SER A 181 -5.22 -1.23 -15.79
CA SER A 181 -4.07 -0.95 -14.97
C SER A 181 -3.99 -1.97 -13.83
N VAL A 182 -2.99 -2.86 -13.92
CA VAL A 182 -2.89 -4.00 -13.02
C VAL A 182 -1.77 -3.74 -12.05
N ARG A 183 -2.14 -3.39 -10.83
CA ARG A 183 -1.11 -3.01 -9.89
C ARG A 183 -0.49 -4.26 -9.33
N VAL A 184 0.77 -4.47 -9.67
CA VAL A 184 1.54 -5.65 -9.21
C VAL A 184 2.83 -5.22 -8.53
N LEU A 185 3.06 -3.89 -8.53
CA LEU A 185 4.21 -3.28 -7.84
C LEU A 185 3.80 -2.28 -6.77
N ASP A 186 4.54 -2.29 -5.67
CA ASP A 186 4.30 -1.41 -4.55
C ASP A 186 4.88 0.01 -4.74
N ALA A 187 4.66 0.87 -3.74
CA ALA A 187 5.01 2.27 -3.73
C ALA A 187 6.46 2.56 -4.01
N ARG A 188 7.32 1.56 -3.79
CA ARG A 188 8.78 1.68 -4.15
C ARG A 188 9.17 0.99 -5.49
N GLY A 189 8.16 0.58 -6.26
CA GLY A 189 8.35 -0.13 -7.50
C GLY A 189 8.99 -1.51 -7.35
N SER A 190 8.88 -2.09 -6.16
CA SER A 190 9.21 -3.48 -5.89
C SER A 190 7.94 -4.33 -5.91
N GLY A 191 8.00 -5.53 -6.49
CA GLY A 191 6.85 -6.40 -6.46
C GLY A 191 7.34 -7.84 -6.38
N SER A 192 6.44 -8.75 -6.05
CA SER A 192 6.83 -10.15 -5.93
C SER A 192 6.32 -10.98 -7.11
N TYR A 193 6.95 -12.10 -7.35
CA TYR A 193 6.65 -12.86 -8.54
C TYR A 193 5.21 -13.42 -8.53
N SER A 194 4.72 -13.79 -7.31
CA SER A 194 3.36 -14.24 -7.08
C SER A 194 2.28 -13.17 -7.41
N ASP A 195 2.39 -11.95 -6.89
CA ASP A 195 1.55 -10.82 -7.33
C ASP A 195 1.63 -10.59 -8.82
N ILE A 196 2.81 -10.73 -9.40
CA ILE A 196 2.98 -10.52 -10.85
C ILE A 196 2.30 -11.59 -11.72
N ALA A 197 2.41 -12.89 -11.37
CA ALA A 197 1.62 -13.98 -12.07
C ALA A 197 0.10 -13.90 -11.87
N ILE A 198 -0.36 -13.39 -10.73
CA ILE A 198 -1.77 -13.14 -10.49
C ILE A 198 -2.18 -11.92 -11.37
N GLY A 199 -1.29 -10.91 -11.46
CA GLY A 199 -1.41 -9.87 -12.53
C GLY A 199 -1.68 -10.42 -13.96
N ILE A 200 -0.81 -11.30 -14.45
CA ILE A 200 -1.02 -11.88 -15.83
C ILE A 200 -2.36 -12.60 -15.95
N GLU A 201 -2.73 -13.36 -14.93
CA GLU A 201 -3.97 -14.06 -14.93
C GLU A 201 -5.17 -13.13 -14.92
N GLN A 202 -5.11 -12.08 -14.07
CA GLN A 202 -6.13 -11.00 -14.06
C GLN A 202 -6.26 -10.37 -15.44
N ALA A 203 -5.13 -10.04 -16.06
CA ALA A 203 -5.13 -9.54 -17.46
C ALA A 203 -5.73 -10.49 -18.53
N ILE A 204 -5.57 -11.82 -18.31
CA ILE A 204 -6.28 -12.86 -19.14
C ILE A 204 -7.79 -13.08 -18.79
N LEU A 205 -8.14 -13.11 -17.49
CA LEU A 205 -9.55 -13.17 -17.06
C LEU A 205 -10.34 -11.89 -17.25
N GLY A 206 -9.69 -10.74 -17.24
CA GLY A 206 -10.41 -9.49 -17.40
C GLY A 206 -11.42 -9.27 -16.26
N PRO A 207 -12.10 -8.11 -16.28
CA PRO A 207 -13.08 -7.65 -15.29
C PRO A 207 -14.11 -8.67 -14.77
N ASP A 208 -14.56 -9.58 -15.63
CA ASP A 208 -15.71 -10.41 -15.34
C ASP A 208 -15.56 -11.90 -14.95
N GLY A 209 -14.47 -12.60 -15.22
CA GLY A 209 -13.52 -12.87 -14.11
C GLY A 209 -13.11 -14.31 -14.52
N VAL A 210 -13.05 -14.58 -15.85
CA VAL A 210 -13.79 -15.68 -16.55
C VAL A 210 -13.09 -15.46 -17.88
N ALA A 211 -12.16 -16.37 -18.20
CA ALA A 211 -11.30 -16.30 -19.39
C ALA A 211 -12.01 -16.49 -20.70
N ASP A 212 -12.88 -17.51 -20.78
CA ASP A 212 -13.43 -17.88 -22.06
C ASP A 212 -14.77 -18.63 -22.16
N LYS A 213 -15.87 -17.93 -22.43
CA LYS A 213 -16.37 -16.90 -21.55
C LYS A 213 -17.70 -17.61 -21.24
N ASP A 214 -18.17 -18.54 -22.12
CA ASP A 214 -18.48 -18.38 -23.62
C ASP A 214 -18.36 -19.66 -24.50
N GLY A 215 -17.14 -20.14 -24.72
CA GLY A 215 -16.98 -21.06 -25.90
C GLY A 215 -15.69 -21.77 -25.69
N ASP A 216 -14.88 -22.00 -26.72
CA ASP A 216 -14.79 -21.13 -27.94
C ASP A 216 -13.75 -21.30 -29.03
N GLY A 217 -12.48 -21.57 -28.68
CA GLY A 217 -11.93 -21.21 -27.35
C GLY A 217 -11.01 -20.03 -27.61
N ILE A 218 -11.62 -18.87 -27.93
CA ILE A 218 -10.89 -17.69 -28.40
C ILE A 218 -10.99 -16.67 -27.32
N ILE A 219 -9.86 -16.03 -27.05
CA ILE A 219 -9.72 -15.20 -25.86
C ILE A 219 -9.34 -13.76 -26.27
N ALA A 220 -8.07 -13.53 -26.60
CA ALA A 220 -7.65 -12.27 -27.20
C ALA A 220 -8.21 -12.16 -28.62
N GLY A 221 -8.72 -10.95 -28.94
CA GLY A 221 -9.35 -10.59 -30.22
C GLY A 221 -10.78 -11.08 -30.29
N ASP A 222 -11.29 -11.55 -29.16
CA ASP A 222 -12.65 -12.08 -29.11
C ASP A 222 -13.70 -11.24 -28.39
N PRO A 223 -14.75 -10.77 -29.10
CA PRO A 223 -15.39 -9.47 -29.06
C PRO A 223 -16.35 -9.68 -27.85
N ASP A 224 -16.67 -10.98 -27.58
CA ASP A 224 -17.39 -11.48 -26.36
C ASP A 224 -16.51 -11.63 -25.09
N ALA A 225 -15.19 -11.64 -25.22
CA ALA A 225 -14.31 -11.61 -24.06
C ALA A 225 -13.91 -10.17 -23.65
N ASP A 226 -13.40 -10.03 -22.43
CA ASP A 226 -12.79 -8.79 -22.00
C ASP A 226 -11.28 -9.04 -21.67
N ALA A 227 -10.74 -10.15 -22.16
CA ALA A 227 -9.27 -10.37 -22.07
C ALA A 227 -8.53 -9.27 -22.80
N ALA A 228 -7.41 -8.85 -22.25
CA ALA A 228 -6.42 -8.02 -22.95
C ALA A 228 -5.86 -8.74 -24.17
N GLU A 229 -5.36 -7.94 -25.10
CA GLU A 229 -4.71 -8.42 -26.33
C GLU A 229 -3.23 -8.16 -26.18
N VAL A 230 -2.87 -7.46 -25.11
CA VAL A 230 -1.48 -7.05 -24.86
C VAL A 230 -1.27 -6.93 -23.37
N ILE A 231 -0.24 -7.62 -22.89
CA ILE A 231 0.21 -7.54 -21.51
C ILE A 231 1.57 -6.88 -21.51
N SER A 232 1.67 -5.72 -20.88
CA SER A 232 2.88 -4.90 -20.88
C SER A 232 3.62 -4.92 -19.53
N MET A 233 4.89 -5.34 -19.53
CA MET A 233 5.66 -5.37 -18.24
C MET A 233 6.96 -4.58 -18.20
N SER A 234 6.93 -3.41 -17.59
CA SER A 234 8.10 -2.52 -17.55
C SER A 234 8.87 -2.79 -16.29
N LEU A 235 9.18 -4.09 -16.13
CA LEU A 235 9.68 -4.62 -14.89
C LEU A 235 10.58 -5.85 -15.13
N GLY A 236 11.42 -6.15 -14.15
CA GLY A 236 12.31 -7.29 -14.36
C GLY A 236 12.79 -7.91 -13.10
N GLY A 237 13.10 -9.19 -13.20
CA GLY A 237 13.70 -9.91 -12.08
C GLY A 237 14.76 -10.87 -12.46
N PRO A 238 15.56 -11.31 -11.48
CA PRO A 238 16.68 -12.18 -11.87
C PRO A 238 16.35 -13.70 -11.83
N ALA A 239 15.31 -14.09 -11.08
CA ALA A 239 14.79 -15.49 -10.98
C ALA A 239 14.02 -16.05 -12.18
N ASP A 240 14.24 -17.33 -12.46
CA ASP A 240 13.47 -18.11 -13.44
C ASP A 240 12.71 -19.18 -12.66
N ASP A 241 11.41 -18.95 -12.56
CA ASP A 241 10.47 -19.81 -11.82
C ASP A 241 9.49 -20.41 -12.84
N SER A 242 9.26 -21.72 -12.71
CA SER A 242 8.32 -22.49 -13.52
C SER A 242 6.92 -21.92 -13.56
N TYR A 243 6.33 -21.65 -12.39
CA TYR A 243 4.94 -21.18 -12.33
C TYR A 243 4.74 -19.83 -13.09
N LEU A 244 5.68 -18.90 -12.94
CA LEU A 244 5.62 -17.60 -13.65
C LEU A 244 5.68 -17.78 -15.16
N TYR A 245 6.62 -18.58 -15.63
CA TYR A 245 6.77 -18.90 -17.07
C TYR A 245 5.61 -19.69 -17.68
N ASP A 246 5.06 -20.60 -16.88
CA ASP A 246 3.78 -21.23 -17.14
C ASP A 246 2.68 -20.22 -17.40
N MET A 247 2.52 -19.26 -16.50
CA MET A 247 1.51 -18.21 -16.64
C MET A 247 1.73 -17.45 -17.95
N ILE A 248 2.98 -17.11 -18.19
CA ILE A 248 3.44 -16.49 -19.42
C ILE A 248 2.91 -17.31 -20.55
N ILE A 249 3.21 -18.60 -20.56
CA ILE A 249 2.75 -19.52 -21.63
C ILE A 249 1.21 -19.47 -21.83
N GLN A 250 0.44 -19.26 -20.74
CA GLN A 250 -1.03 -19.35 -20.81
C GLN A 250 -1.53 -18.10 -21.53
N ALA A 251 -0.91 -16.95 -21.24
CA ALA A 251 -1.21 -15.69 -21.94
C ALA A 251 -0.89 -15.78 -23.41
N TYR A 252 0.33 -16.25 -23.74
CA TYR A 252 0.76 -16.43 -25.11
C TYR A 252 -0.24 -17.34 -25.82
N ASN A 253 -0.56 -18.47 -25.18
CA ASN A 253 -1.52 -19.44 -25.72
C ASN A 253 -2.92 -18.89 -25.96
N ALA A 254 -3.34 -17.87 -25.19
CA ALA A 254 -4.60 -17.18 -25.35
C ALA A 254 -4.52 -16.17 -26.45
N GLY A 255 -3.40 -16.18 -27.17
CA GLY A 255 -3.16 -15.26 -28.25
C GLY A 255 -2.84 -13.84 -27.87
N ILE A 256 -2.40 -13.60 -26.63
CA ILE A 256 -1.99 -12.26 -26.10
C ILE A 256 -0.50 -11.97 -26.34
N VAL A 257 -0.18 -10.82 -26.91
CA VAL A 257 1.23 -10.34 -27.05
C VAL A 257 1.80 -9.82 -25.74
N ILE A 258 2.94 -10.37 -25.35
CA ILE A 258 3.64 -10.04 -24.12
C ILE A 258 4.95 -9.25 -24.38
N VAL A 259 5.10 -8.13 -23.66
CA VAL A 259 6.16 -7.17 -23.89
C VAL A 259 6.80 -6.81 -22.57
N ALA A 260 8.13 -6.87 -22.52
CA ALA A 260 8.75 -6.61 -21.22
C ALA A 260 10.10 -5.97 -21.43
N ALA A 261 10.47 -5.16 -20.45
CA ALA A 261 11.72 -4.38 -20.43
C ALA A 261 12.89 -5.35 -20.35
N SER A 262 13.93 -5.04 -21.10
CA SER A 262 15.15 -5.82 -21.12
C SER A 262 15.89 -5.87 -19.76
N GLY A 263 15.88 -4.74 -19.02
CA GLY A 263 16.69 -4.56 -17.84
C GLY A 263 17.69 -3.42 -18.06
N ASN A 264 18.11 -2.81 -16.94
CA ASN A 264 18.90 -1.58 -16.93
C ASN A 264 20.32 -1.71 -16.31
N GLU A 265 20.97 -2.85 -16.55
CA GLU A 265 22.29 -3.13 -15.98
C GLU A 265 23.40 -3.32 -17.09
N GLY A 266 23.06 -3.09 -18.37
CA GLY A 266 23.99 -3.36 -19.47
C GLY A 266 24.49 -4.82 -19.53
N ALA A 267 23.69 -5.71 -18.93
CA ALA A 267 24.00 -7.10 -18.81
C ALA A 267 23.95 -7.72 -20.20
N PRO A 268 24.57 -8.89 -20.39
CA PRO A 268 24.64 -9.43 -21.75
C PRO A 268 23.33 -10.05 -22.23
N SER A 269 22.31 -10.09 -21.35
CA SER A 269 21.03 -10.63 -21.76
C SER A 269 19.83 -10.06 -20.99
N PRO A 270 18.59 -10.34 -21.47
CA PRO A 270 17.49 -9.80 -20.72
C PRO A 270 17.20 -10.49 -19.40
N SER A 271 16.64 -9.66 -18.51
CA SER A 271 15.93 -10.09 -17.35
C SER A 271 14.72 -10.98 -17.64
N TYR A 272 14.07 -11.36 -16.54
CA TYR A 272 12.82 -12.15 -16.54
C TYR A 272 11.64 -11.17 -16.28
N PRO A 273 10.52 -11.30 -17.04
CA PRO A 273 10.18 -12.32 -18.10
C PRO A 273 10.61 -11.93 -19.50
N ALA A 274 11.12 -10.73 -19.67
CA ALA A 274 11.71 -10.40 -20.94
C ALA A 274 12.43 -11.55 -21.60
N ALA A 275 13.21 -12.39 -20.88
CA ALA A 275 14.08 -13.43 -21.50
C ALA A 275 13.36 -14.62 -22.07
N TYR A 276 12.08 -14.83 -21.71
CA TYR A 276 11.32 -15.98 -22.20
C TYR A 276 11.02 -15.89 -23.68
N PRO A 277 10.98 -17.02 -24.39
CA PRO A 277 10.79 -16.99 -25.88
C PRO A 277 9.46 -16.41 -26.37
N GLU A 278 8.44 -16.38 -25.51
CA GLU A 278 7.12 -15.95 -25.89
C GLU A 278 6.83 -14.49 -25.46
N VAL A 279 7.83 -13.89 -24.80
CA VAL A 279 7.84 -12.48 -24.48
C VAL A 279 8.82 -11.75 -25.45
N ILE A 280 8.42 -10.56 -25.92
CA ILE A 280 9.22 -9.53 -26.55
C ILE A 280 10.03 -8.73 -25.53
N ALA A 281 11.35 -8.93 -25.55
CA ALA A 281 12.32 -8.09 -24.83
C ALA A 281 12.61 -6.77 -25.58
N VAL A 282 12.54 -5.66 -24.84
CA VAL A 282 12.75 -4.34 -25.37
C VAL A 282 13.95 -3.61 -24.75
N GLY A 283 14.89 -3.24 -25.60
CA GLY A 283 16.00 -2.38 -25.19
C GLY A 283 15.73 -0.89 -25.43
N ALA A 284 16.56 -0.02 -24.84
CA ALA A 284 16.27 1.42 -24.89
C ALA A 284 17.26 2.20 -25.76
N ILE A 285 16.73 2.96 -26.74
CA ILE A 285 17.54 3.96 -27.49
C ILE A 285 17.40 5.37 -26.87
N ASP A 286 18.38 6.22 -27.17
CA ASP A 286 18.27 7.65 -26.89
C ASP A 286 17.81 8.42 -28.18
N SER A 287 17.75 9.76 -28.14
CA SER A 287 17.14 10.52 -29.21
C SER A 287 18.07 10.73 -30.40
N ASN A 288 19.31 10.23 -30.28
CA ASN A 288 20.31 10.26 -31.35
C ASN A 288 20.48 8.89 -31.99
N ASP A 289 19.56 7.97 -31.64
CA ASP A 289 19.57 6.54 -32.05
C ASP A 289 20.79 5.76 -31.50
N ASN A 290 21.33 6.24 -30.38
CA ASN A 290 22.33 5.47 -29.66
C ASN A 290 21.64 4.55 -28.63
N ILE A 291 21.96 3.24 -28.62
CA ILE A 291 21.54 2.38 -27.55
C ILE A 291 21.87 3.02 -26.17
N ALA A 292 20.89 3.09 -25.27
CA ALA A 292 21.11 3.51 -23.87
C ALA A 292 22.31 2.72 -23.26
N SER A 293 23.13 3.34 -22.43
CA SER A 293 24.28 2.56 -21.94
C SER A 293 23.83 1.45 -20.93
N PHE A 294 22.74 1.73 -20.20
CA PHE A 294 22.24 0.82 -19.19
C PHE A 294 21.47 -0.36 -19.80
N SER A 295 21.13 -0.25 -21.05
CA SER A 295 20.22 -1.20 -21.70
C SER A 295 20.77 -2.65 -21.70
N ASN A 296 20.03 -3.62 -21.12
CA ASN A 296 20.44 -5.03 -21.23
C ASN A 296 20.38 -5.51 -22.68
N ARG A 297 21.35 -6.34 -23.09
CA ARG A 297 21.50 -6.69 -24.52
C ARG A 297 20.73 -7.93 -24.97
N GLN A 298 20.87 -8.22 -26.25
CA GLN A 298 20.11 -9.25 -26.91
C GLN A 298 18.60 -8.99 -26.69
N PRO A 299 18.12 -7.75 -26.98
CA PRO A 299 16.67 -7.54 -26.93
C PRO A 299 16.04 -8.05 -28.24
N GLU A 300 14.71 -8.05 -28.27
CA GLU A 300 14.03 -8.44 -29.48
C GLU A 300 13.93 -7.25 -30.43
N VAL A 301 13.44 -6.11 -29.95
CA VAL A 301 13.43 -4.85 -30.69
C VAL A 301 13.89 -3.77 -29.70
N SER A 302 13.99 -2.51 -30.14
CA SER A 302 14.23 -1.38 -29.21
C SER A 302 13.35 -0.18 -29.52
N ALA A 303 13.34 0.78 -28.59
CA ALA A 303 12.40 1.90 -28.70
C ALA A 303 12.90 2.99 -27.78
N PRO A 304 12.37 4.23 -27.94
CA PRO A 304 12.86 5.28 -27.08
C PRO A 304 12.84 4.96 -25.58
N GLY A 305 13.90 5.34 -24.87
CA GLY A 305 14.01 5.03 -23.42
C GLY A 305 14.92 5.97 -22.64
N VAL A 306 15.26 7.11 -23.25
CA VAL A 306 16.05 8.13 -22.56
C VAL A 306 15.35 9.47 -22.75
N ASP A 307 15.22 10.23 -21.67
CA ASP A 307 14.50 11.57 -21.67
C ASP A 307 13.05 11.51 -22.18
N ILE A 308 12.30 10.61 -21.55
CA ILE A 308 10.90 10.34 -21.94
C ILE A 308 9.86 11.14 -21.15
N LEU A 309 9.20 12.07 -21.87
CA LEU A 309 8.17 12.87 -21.24
C LEU A 309 6.84 12.15 -21.30
N SER A 310 6.14 12.17 -20.20
CA SER A 310 4.89 11.40 -20.14
C SER A 310 4.17 11.84 -18.91
N THR A 311 2.93 11.39 -18.75
CA THR A 311 2.07 11.70 -17.57
C THR A 311 2.71 11.15 -16.28
N TYR A 312 2.30 11.72 -15.14
CA TYR A 312 2.91 11.53 -13.84
C TYR A 312 1.94 12.14 -12.78
N PRO A 313 1.79 11.47 -11.62
CA PRO A 313 0.92 12.06 -10.60
C PRO A 313 1.53 13.32 -9.98
N ASP A 314 0.70 14.16 -9.37
CA ASP A 314 -0.76 14.09 -9.46
C ASP A 314 -1.23 15.03 -10.63
N ASP A 315 -1.81 14.46 -11.69
CA ASP A 315 -2.37 15.26 -12.78
C ASP A 315 -1.27 16.08 -13.48
N SER A 316 -0.07 15.51 -13.47
CA SER A 316 1.14 16.22 -13.87
C SER A 316 2.00 15.44 -14.88
N TYR A 317 3.28 15.81 -14.99
CA TYR A 317 4.17 15.33 -16.09
C TYR A 317 5.62 15.20 -15.66
N GLU A 318 6.30 14.20 -16.19
CA GLU A 318 7.69 13.91 -15.80
C GLU A 318 8.55 13.20 -16.88
N THR A 319 9.85 13.43 -16.79
CA THR A 319 10.77 12.88 -17.79
C THR A 319 11.58 11.77 -17.13
N LEU A 320 11.46 10.54 -17.65
CA LEU A 320 12.18 9.36 -17.12
C LEU A 320 12.97 8.62 -18.23
N MET A 321 13.86 7.71 -17.79
CA MET A 321 14.63 6.83 -18.67
C MET A 321 14.64 5.45 -18.06
N GLY A 322 14.85 4.43 -18.90
CA GLY A 322 14.92 3.06 -18.47
C GLY A 322 14.41 2.22 -19.64
N THR A 323 14.65 0.91 -19.66
CA THR A 323 13.95 0.07 -20.66
C THR A 323 12.45 -0.02 -20.37
N ALA A 324 12.05 0.46 -19.18
CA ALA A 324 10.63 0.60 -18.77
C ALA A 324 9.85 1.57 -19.62
N MET A 325 10.56 2.51 -20.21
CA MET A 325 10.08 3.56 -21.01
C MET A 325 10.03 3.15 -22.48
N ALA A 326 10.99 2.35 -22.93
CA ALA A 326 11.00 1.80 -24.27
C ALA A 326 9.80 0.87 -24.48
N THR A 327 9.63 -0.04 -23.53
CA THR A 327 8.63 -1.08 -23.51
C THR A 327 7.24 -0.61 -23.96
N PRO A 328 6.62 0.40 -23.29
CA PRO A 328 5.28 0.89 -23.71
C PRO A 328 5.18 1.51 -25.12
N HIS A 329 6.28 1.98 -25.67
CA HIS A 329 6.28 2.31 -27.09
C HIS A 329 6.03 1.06 -27.91
N VAL A 330 6.58 -0.08 -27.53
CA VAL A 330 6.36 -1.33 -28.31
C VAL A 330 4.93 -1.84 -28.21
N SER A 331 4.42 -1.81 -26.98
CA SER A 331 3.07 -2.16 -26.63
C SER A 331 2.02 -1.30 -27.36
N GLY A 332 2.23 0.01 -27.45
CA GLY A 332 1.43 0.88 -28.28
C GLY A 332 1.43 0.41 -29.73
N VAL A 333 2.59 0.13 -30.33
CA VAL A 333 2.67 -0.36 -31.71
C VAL A 333 1.92 -1.67 -31.95
N VAL A 334 1.88 -2.55 -30.95
CA VAL A 334 1.12 -3.77 -31.22
C VAL A 334 -0.37 -3.54 -31.11
N ALA A 335 -0.74 -2.59 -30.26
CA ALA A 335 -2.12 -2.16 -30.13
C ALA A 335 -2.59 -1.57 -31.46
N LEU A 336 -1.76 -0.74 -32.10
CA LEU A 336 -2.21 -0.19 -33.35
C LEU A 336 -2.30 -1.19 -34.47
N ILE A 337 -1.50 -2.24 -34.38
CA ILE A 337 -1.44 -3.29 -35.41
C ILE A 337 -2.70 -4.12 -35.34
N GLN A 338 -3.05 -4.56 -34.13
CA GLN A 338 -4.18 -5.45 -33.91
C GLN A 338 -5.53 -4.69 -34.02
N ALA A 339 -5.58 -3.46 -33.52
CA ALA A 339 -6.77 -2.60 -33.81
C ALA A 339 -6.97 -2.38 -35.34
N ALA A 340 -5.94 -2.01 -36.08
CA ALA A 340 -6.02 -1.87 -37.56
C ALA A 340 -6.42 -3.15 -38.20
N TYR A 341 -5.68 -4.22 -37.90
CA TYR A 341 -5.98 -5.54 -38.43
C TYR A 341 -7.47 -5.98 -38.18
N TYR A 342 -7.93 -5.75 -36.95
CA TYR A 342 -9.29 -6.14 -36.59
C TYR A 342 -10.34 -5.25 -37.22
N GLN A 343 -10.05 -3.96 -37.32
CA GLN A 343 -10.96 -3.01 -37.98
C GLN A 343 -11.19 -3.39 -39.48
N LYS A 344 -10.19 -3.97 -40.12
CA LYS A 344 -10.31 -4.41 -41.51
C LYS A 344 -10.85 -5.83 -41.64
N TYR A 345 -10.35 -6.75 -40.82
CA TYR A 345 -10.77 -8.14 -40.91
C TYR A 345 -11.60 -8.38 -39.65
N GLY A 346 -12.09 -9.57 -39.40
CA GLY A 346 -12.92 -9.63 -38.16
C GLY A 346 -12.14 -10.31 -37.06
N LYS A 347 -10.83 -10.00 -37.00
CA LYS A 347 -9.86 -10.79 -36.24
C LYS A 347 -8.50 -10.14 -35.97
N ILE A 348 -7.70 -10.80 -35.14
CA ILE A 348 -6.34 -10.36 -34.76
C ILE A 348 -5.27 -11.32 -35.27
N LEU A 349 -4.09 -10.78 -35.55
CA LEU A 349 -2.98 -11.58 -36.01
C LEU A 349 -2.50 -12.51 -34.87
N PRO A 350 -1.86 -13.65 -35.24
CA PRO A 350 -1.25 -14.40 -34.12
C PRO A 350 -0.07 -13.61 -33.59
N VAL A 351 0.32 -13.88 -32.34
CA VAL A 351 1.51 -13.34 -31.71
C VAL A 351 2.77 -13.68 -32.51
N GLY A 352 3.03 -14.97 -32.77
CA GLY A 352 4.30 -15.35 -33.44
C GLY A 352 5.52 -15.49 -32.54
N THR A 353 6.68 -15.66 -33.16
CA THR A 353 7.92 -16.07 -32.45
C THR A 353 9.11 -15.14 -32.74
N PHE A 354 10.17 -15.31 -31.96
CA PHE A 354 11.40 -14.51 -32.16
C PHE A 354 12.00 -14.72 -33.56
N ASP A 355 11.68 -15.84 -34.24
CA ASP A 355 12.33 -16.15 -35.53
C ASP A 355 11.53 -15.78 -36.76
N ASP A 356 10.33 -15.23 -36.54
CA ASP A 356 9.40 -14.84 -37.60
C ASP A 356 9.90 -13.66 -38.40
N ILE A 357 9.83 -13.80 -39.73
CA ILE A 357 10.30 -12.75 -40.65
C ILE A 357 9.28 -12.48 -41.74
N SER A 358 8.01 -12.72 -41.40
CA SER A 358 6.91 -12.49 -42.30
C SER A 358 5.90 -11.48 -41.73
N LYS A 359 4.90 -11.20 -42.58
CA LYS A 359 3.71 -10.35 -42.38
C LYS A 359 2.67 -10.93 -41.47
N ASN A 360 2.78 -12.22 -41.17
CA ASN A 360 1.57 -12.97 -40.77
C ASN A 360 1.47 -13.10 -39.27
N THR A 361 2.30 -12.35 -38.60
CA THR A 361 2.43 -12.54 -37.19
C THR A 361 2.71 -11.15 -36.61
N VAL A 362 2.27 -10.86 -35.39
CA VAL A 362 2.63 -9.57 -34.81
C VAL A 362 4.13 -9.45 -34.67
N ARG A 363 4.80 -10.45 -34.08
CA ARG A 363 6.25 -10.38 -33.96
C ARG A 363 6.99 -10.26 -35.30
N GLY A 364 6.59 -11.02 -36.34
CA GLY A 364 7.25 -10.91 -37.61
C GLY A 364 7.05 -9.52 -38.20
N ILE A 365 5.87 -8.95 -37.98
CA ILE A 365 5.64 -7.61 -38.42
C ILE A 365 6.60 -6.67 -37.73
N LEU A 366 6.68 -6.73 -36.39
CA LEU A 366 7.64 -5.89 -35.64
C LEU A 366 9.06 -6.02 -36.19
N HIS A 367 9.45 -7.25 -36.47
CA HIS A 367 10.80 -7.57 -36.93
C HIS A 367 11.20 -6.93 -38.25
N ILE A 368 10.35 -7.07 -39.24
CA ILE A 368 10.67 -6.70 -40.61
C ILE A 368 10.50 -5.19 -40.97
N THR A 369 9.74 -4.46 -40.13
CA THR A 369 9.41 -3.04 -40.32
C THR A 369 10.20 -2.16 -39.39
N ALA A 370 11.00 -2.75 -38.48
CA ALA A 370 11.84 -1.98 -37.56
C ALA A 370 12.94 -1.29 -38.30
N ASP A 371 13.33 -0.10 -37.85
CA ASP A 371 14.44 0.59 -38.42
C ASP A 371 15.70 -0.14 -37.95
N ASP A 372 16.36 -0.80 -38.89
CA ASP A 372 17.52 -1.57 -38.61
C ASP A 372 18.75 -0.66 -38.46
N LEU A 373 19.22 -0.57 -37.21
CA LEU A 373 20.38 0.25 -36.84
C LEU A 373 21.57 -0.67 -36.47
N GLY A 374 22.73 -0.01 -36.37
CA GLY A 374 23.99 -0.64 -36.08
C GLY A 374 24.23 -1.67 -37.13
N PRO A 375 24.83 -2.82 -36.76
CA PRO A 375 25.06 -3.84 -37.78
C PRO A 375 23.78 -4.34 -38.48
N THR A 376 23.84 -4.50 -39.79
CA THR A 376 22.76 -5.15 -40.54
C THR A 376 22.15 -6.37 -39.86
N GLY A 377 20.85 -6.38 -39.70
CA GLY A 377 20.16 -7.52 -39.15
C GLY A 377 20.12 -7.42 -37.65
N TRP A 378 19.48 -8.41 -37.03
CA TRP A 378 19.45 -8.47 -35.59
C TRP A 378 20.86 -8.26 -35.05
N ASP A 379 21.00 -7.47 -33.99
CA ASP A 379 22.27 -7.38 -33.28
C ASP A 379 21.99 -7.23 -31.80
N ALA A 380 23.04 -7.37 -30.97
CA ALA A 380 22.90 -7.46 -29.52
C ALA A 380 22.52 -6.14 -28.89
N ASP A 381 22.72 -5.02 -29.58
CA ASP A 381 22.29 -3.76 -28.95
C ASP A 381 20.81 -3.51 -29.23
N TYR A 382 20.48 -3.49 -30.52
CA TYR A 382 19.16 -3.05 -30.99
C TYR A 382 18.11 -4.09 -31.20
N GLY A 383 18.41 -5.37 -31.02
CA GLY A 383 17.57 -6.41 -31.58
C GLY A 383 17.36 -6.23 -33.09
N TYR A 384 16.12 -6.35 -33.57
CA TYR A 384 15.92 -6.27 -35.00
C TYR A 384 15.91 -4.81 -35.43
N GLY A 385 15.70 -3.94 -34.44
CA GLY A 385 15.68 -2.49 -34.69
C GLY A 385 14.67 -1.67 -33.88
N VAL A 386 14.54 -0.39 -34.22
CA VAL A 386 13.60 0.52 -33.62
C VAL A 386 12.31 0.34 -34.35
N VAL A 387 11.25 0.38 -33.59
CA VAL A 387 9.98 -0.17 -33.95
C VAL A 387 9.24 1.01 -34.60
N ARG A 388 8.52 0.77 -35.71
CA ARG A 388 7.81 1.84 -36.42
C ARG A 388 6.33 1.50 -36.64
N ALA A 389 5.44 2.17 -35.89
CA ALA A 389 3.97 1.98 -36.01
C ALA A 389 3.49 2.01 -37.42
N ALA A 390 3.95 3.01 -38.20
CA ALA A 390 3.35 3.27 -39.55
C ALA A 390 3.72 2.28 -40.66
N LEU A 391 4.92 1.77 -40.66
CA LEU A 391 5.29 0.70 -41.59
C LEU A 391 4.67 -0.66 -41.19
N ALA A 392 4.74 -0.97 -39.88
CA ALA A 392 4.09 -2.10 -39.23
C ALA A 392 2.61 -2.29 -39.61
N VAL A 393 1.80 -1.27 -39.32
CA VAL A 393 0.40 -1.25 -39.71
C VAL A 393 0.20 -1.37 -41.25
N GLN A 394 1.09 -0.76 -42.03
CA GLN A 394 0.98 -0.86 -43.47
C GLN A 394 1.14 -2.32 -43.94
N ALA A 395 2.20 -2.96 -43.43
CA ALA A 395 2.45 -4.39 -43.50
C ALA A 395 1.35 -5.28 -42.90
N ALA A 396 0.63 -4.80 -41.87
CA ALA A 396 -0.48 -5.56 -41.28
C ALA A 396 -1.61 -5.69 -42.27
N LEU A 397 -1.94 -4.57 -42.92
CA LEU A 397 -3.16 -4.44 -43.69
C LEU A 397 -3.00 -4.75 -45.17
N GLY A 398 -1.78 -4.75 -45.67
CA GLY A 398 -1.59 -4.61 -47.11
C GLY A 398 -1.73 -5.92 -47.83
N GLU B 2 -14.49 36.28 -1.38
CA GLU B 2 -14.18 34.86 -1.06
C GLU B 2 -14.31 33.82 -2.24
N GLN B 3 -13.76 32.63 -1.99
CA GLN B 3 -13.81 31.45 -2.89
C GLN B 3 -14.26 30.29 -2.03
N ASN B 4 -14.83 29.26 -2.64
CA ASN B 4 -15.02 27.95 -1.99
C ASN B 4 -13.68 27.36 -1.60
N THR B 5 -13.50 26.97 -0.34
CA THR B 5 -12.19 26.45 0.06
C THR B 5 -12.14 24.98 0.53
N ILE B 6 -11.07 24.31 0.16
CA ILE B 6 -10.86 22.89 0.55
C ILE B 6 -9.55 22.84 1.33
N ARG B 7 -9.56 22.03 2.41
CA ARG B 7 -8.33 21.82 3.20
C ARG B 7 -7.64 20.57 2.74
N VAL B 8 -6.38 20.72 2.41
CA VAL B 8 -5.72 19.67 1.67
C VAL B 8 -4.34 19.44 2.35
N ILE B 9 -3.76 18.25 2.15
CA ILE B 9 -2.44 17.87 2.65
C ILE B 9 -1.60 17.45 1.46
N VAL B 10 -0.51 18.19 1.31
CA VAL B 10 0.33 18.17 0.15
C VAL B 10 1.66 17.54 0.59
N SER B 11 1.92 16.36 0.00
CA SER B 11 3.15 15.61 0.07
C SER B 11 4.03 16.15 -1.05
N VAL B 12 5.28 16.46 -0.68
CA VAL B 12 6.19 17.23 -1.54
C VAL B 12 7.62 16.65 -1.52
N ASP B 13 8.33 16.79 -2.64
CA ASP B 13 9.80 16.88 -2.64
C ASP B 13 10.24 18.19 -1.93
N LYS B 14 10.61 18.05 -0.67
CA LYS B 14 10.95 19.15 0.24
C LYS B 14 12.19 19.92 -0.26
N ALA B 15 12.92 19.29 -1.18
CA ALA B 15 14.10 19.89 -1.85
C ALA B 15 13.70 20.70 -3.09
N LYS B 16 12.46 20.52 -3.53
CA LYS B 16 11.99 21.17 -4.75
C LYS B 16 10.87 22.20 -4.51
N PHE B 17 10.01 21.93 -3.53
CA PHE B 17 8.77 22.67 -3.31
C PHE B 17 8.96 23.97 -2.55
N ASN B 18 8.36 25.03 -3.07
CA ASN B 18 8.48 26.37 -2.49
C ASN B 18 7.11 26.81 -1.90
N PRO B 19 6.99 26.77 -0.56
CA PRO B 19 5.69 27.07 0.12
C PRO B 19 5.15 28.50 -0.09
N HIS B 20 6.02 29.44 -0.44
CA HIS B 20 5.54 30.80 -0.77
C HIS B 20 4.70 30.83 -2.07
N GLU B 21 4.68 29.75 -2.81
CA GLU B 21 3.94 29.82 -4.01
C GLU B 21 2.49 29.34 -3.87
N VAL B 22 2.15 28.81 -2.70
CA VAL B 22 0.73 28.57 -2.40
C VAL B 22 0.00 29.90 -2.13
N LEU B 23 0.69 30.87 -1.50
CA LEU B 23 0.21 32.25 -1.36
C LEU B 23 -0.35 32.81 -2.68
N GLY B 24 0.40 32.59 -3.76
CA GLY B 24 0.10 33.15 -5.06
C GLY B 24 -1.07 32.52 -5.78
N ILE B 25 -1.50 31.33 -5.35
CA ILE B 25 -2.72 30.79 -5.90
C ILE B 25 -3.92 31.04 -4.98
N GLY B 26 -3.77 31.99 -4.03
CA GLY B 26 -4.78 32.27 -3.01
C GLY B 26 -4.93 31.25 -1.87
N GLY B 27 -3.93 30.39 -1.67
CA GLY B 27 -3.91 29.47 -0.52
C GLY B 27 -3.15 29.94 0.71
N HIS B 28 -3.36 29.20 1.79
CA HIS B 28 -2.86 29.49 3.14
C HIS B 28 -2.18 28.23 3.71
N ILE B 29 -1.04 28.43 4.36
CA ILE B 29 -0.26 27.32 4.97
C ILE B 29 -0.77 27.17 6.38
N VAL B 30 -1.40 26.06 6.68
CA VAL B 30 -1.94 25.84 7.99
C VAL B 30 -0.84 25.23 8.89
N TYR B 31 -0.09 24.22 8.38
CA TYR B 31 0.84 23.45 9.20
C TYR B 31 1.84 22.68 8.35
N GLN B 32 3.12 23.01 8.52
CA GLN B 32 4.24 22.30 7.86
C GLN B 32 4.79 21.26 8.79
N PHE B 33 4.62 20.00 8.42
CA PHE B 33 5.09 18.87 9.16
C PHE B 33 6.60 18.90 9.36
N LYS B 34 7.06 18.67 10.58
CA LYS B 34 8.52 18.57 10.77
C LYS B 34 9.15 17.25 10.31
N LEU B 35 8.39 16.14 10.34
CA LEU B 35 8.97 14.79 10.28
C LEU B 35 8.58 13.98 9.07
N ILE B 36 7.71 14.58 8.28
CA ILE B 36 7.37 14.11 6.97
C ILE B 36 7.47 15.39 6.11
N PRO B 37 7.76 15.22 4.80
CA PRO B 37 7.75 16.28 3.78
C PRO B 37 6.31 16.52 3.32
N ALA B 38 5.49 17.08 4.18
CA ALA B 38 4.10 17.31 3.80
C ALA B 38 3.67 18.61 4.40
N VAL B 39 2.59 19.17 3.84
CA VAL B 39 2.10 20.50 4.26
C VAL B 39 0.55 20.55 4.26
N VAL B 40 -0.07 20.94 5.39
CA VAL B 40 -1.54 21.15 5.44
C VAL B 40 -1.84 22.53 4.85
N VAL B 41 -2.56 22.59 3.73
CA VAL B 41 -2.94 23.90 3.19
C VAL B 41 -4.45 24.14 3.03
N ASP B 42 -4.92 25.36 3.21
CA ASP B 42 -6.26 25.72 2.74
C ASP B 42 -6.12 26.36 1.34
N VAL B 43 -6.85 25.83 0.36
CA VAL B 43 -6.81 26.39 -0.98
C VAL B 43 -8.21 26.66 -1.54
N PRO B 44 -8.34 27.61 -2.49
CA PRO B 44 -9.58 27.65 -3.24
C PRO B 44 -9.79 26.31 -3.94
N ALA B 45 -11.02 25.84 -3.91
CA ALA B 45 -11.37 24.56 -4.48
C ALA B 45 -11.02 24.52 -5.96
N ASN B 46 -11.14 25.69 -6.64
CA ASN B 46 -10.81 25.89 -8.06
C ASN B 46 -9.28 26.04 -8.32
N ALA B 47 -8.47 25.99 -7.27
CA ALA B 47 -7.06 26.26 -7.43
C ALA B 47 -6.18 25.00 -7.19
N VAL B 48 -6.86 23.84 -7.09
CA VAL B 48 -6.27 22.52 -6.77
C VAL B 48 -5.50 21.92 -7.96
N GLY B 49 -5.99 22.20 -9.18
CA GLY B 49 -5.32 21.75 -10.42
C GLY B 49 -4.02 22.55 -10.63
N LYS B 50 -4.04 23.82 -10.24
CA LYS B 50 -2.85 24.66 -10.20
C LYS B 50 -1.84 24.09 -9.19
N LEU B 51 -2.35 23.65 -8.05
CA LEU B 51 -1.51 23.19 -6.96
C LEU B 51 -0.71 21.94 -7.34
N LYS B 52 -1.35 21.05 -8.09
CA LYS B 52 -0.83 19.72 -8.42
C LYS B 52 0.26 19.83 -9.42
N LYS B 53 0.37 21.02 -9.98
CA LYS B 53 1.31 21.27 -11.06
C LYS B 53 2.44 22.19 -10.60
N MET B 54 2.41 22.60 -9.34
CA MET B 54 3.52 23.31 -8.73
C MET B 54 4.79 22.42 -8.66
N PRO B 55 5.97 23.02 -8.85
CA PRO B 55 7.21 22.28 -8.55
C PRO B 55 7.31 21.73 -7.12
N GLY B 56 7.64 20.44 -7.02
CA GLY B 56 7.77 19.77 -5.76
C GLY B 56 6.58 18.92 -5.31
N VAL B 57 5.38 19.17 -5.86
CA VAL B 57 4.17 18.45 -5.43
C VAL B 57 4.14 16.99 -5.94
N GLU B 58 4.11 16.08 -4.97
CA GLU B 58 4.02 14.67 -5.26
C GLU B 58 2.58 14.09 -5.22
N LYS B 59 1.73 14.65 -4.37
CA LYS B 59 0.43 14.07 -4.03
C LYS B 59 -0.37 15.17 -3.32
N VAL B 60 -1.60 15.41 -3.78
CA VAL B 60 -2.54 16.21 -3.05
C VAL B 60 -3.56 15.29 -2.41
N GLU B 61 -3.64 15.28 -1.10
CA GLU B 61 -4.69 14.45 -0.44
C GLU B 61 -5.72 15.28 0.31
N PHE B 62 -6.93 14.77 0.36
CA PHE B 62 -8.04 15.42 1.06
C PHE B 62 -7.99 15.09 2.55
N ASP B 63 -8.69 15.89 3.31
CA ASP B 63 -8.65 15.72 4.75
C ASP B 63 -9.87 14.85 5.10
N HIS B 64 -9.55 13.67 5.71
CA HIS B 64 -10.58 12.69 6.07
C HIS B 64 -10.97 12.80 7.53
N GLN B 65 -12.07 12.11 7.85
CA GLN B 65 -12.61 12.08 9.18
C GLN B 65 -12.46 10.74 9.87
N ALA B 66 -11.95 10.85 11.10
CA ALA B 66 -11.87 9.80 12.05
C ALA B 66 -12.80 10.09 13.20
N VAL B 67 -13.11 9.03 13.95
CA VAL B 67 -14.21 9.08 14.84
C VAL B 67 -13.81 8.34 16.10
N LEU B 68 -14.24 8.85 17.27
CA LEU B 68 -14.09 8.09 18.53
C LEU B 68 -14.82 6.72 18.40
N LEU B 69 -14.33 5.70 19.14
CA LEU B 69 -14.77 4.31 19.02
C LEU B 69 -15.22 3.64 20.34
N GLY B 70 -15.64 4.42 21.29
CA GLY B 70 -16.36 3.88 22.39
C GLY B 70 -17.60 4.73 22.67
N LYS B 71 -18.52 4.14 23.42
CA LYS B 71 -19.84 4.72 23.55
C LYS B 71 -20.41 4.25 24.85
N PRO B 72 -21.44 4.94 25.37
CA PRO B 72 -22.04 4.48 26.65
C PRO B 72 -22.26 2.96 26.67
N SER B 73 -22.12 2.37 27.84
CA SER B 73 -22.34 0.95 27.94
C SER B 73 -23.60 0.69 28.71
N TRP B 74 -24.17 -0.48 28.43
CA TRP B 74 -25.28 -1.08 29.15
C TRP B 74 -25.30 -0.76 30.64
N LEU B 75 -24.24 -1.19 31.35
CA LEU B 75 -24.14 -0.98 32.78
C LEU B 75 -23.25 0.22 33.11
N GLN B 81 -19.29 5.59 44.26
CA GLN B 81 -18.75 5.36 45.62
C GLN B 81 -17.75 4.20 45.76
N PRO B 82 -17.15 4.04 46.95
CA PRO B 82 -16.60 4.89 48.03
C PRO B 82 -15.05 4.79 48.14
N ALA B 83 -14.52 3.65 47.66
CA ALA B 83 -13.11 3.23 47.70
C ALA B 83 -12.55 3.06 46.28
N GLN B 84 -11.53 2.21 46.12
CA GLN B 84 -10.98 1.90 44.80
C GLN B 84 -11.45 0.56 44.26
N THR B 85 -12.01 0.60 43.06
CA THR B 85 -12.41 -0.58 42.34
C THR B 85 -11.34 -0.90 41.30
N ILE B 86 -10.91 -2.16 41.31
CA ILE B 86 -10.15 -2.73 40.22
C ILE B 86 -11.18 -3.18 39.21
N PRO B 87 -11.35 -2.40 38.11
CA PRO B 87 -12.37 -2.83 37.11
C PRO B 87 -12.02 -4.19 36.52
N TRP B 88 -13.00 -4.90 35.96
CA TRP B 88 -12.74 -6.32 35.57
C TRP B 88 -11.60 -6.54 34.52
N GLY B 89 -11.51 -5.62 33.58
CA GLY B 89 -10.55 -5.66 32.50
C GLY B 89 -9.12 -5.55 33.01
N ILE B 90 -8.89 -4.79 34.07
CA ILE B 90 -7.53 -4.63 34.49
C ILE B 90 -7.02 -6.01 35.00
N GLU B 91 -7.88 -6.81 35.61
CA GLU B 91 -7.53 -8.15 36.01
C GLU B 91 -7.50 -9.08 34.84
N ARG B 92 -8.48 -9.01 33.92
CA ARG B 92 -8.52 -9.90 32.72
C ARG B 92 -7.22 -9.87 31.96
N VAL B 93 -6.70 -8.66 31.89
CA VAL B 93 -5.46 -8.33 31.20
C VAL B 93 -4.24 -8.66 32.11
N LYS B 94 -4.51 -9.06 33.36
CA LYS B 94 -3.48 -9.67 34.26
C LYS B 94 -2.40 -8.66 34.63
N ALA B 95 -2.81 -7.48 35.07
CA ALA B 95 -1.90 -6.34 35.31
C ALA B 95 -1.46 -6.19 36.76
N PRO B 96 -2.35 -6.51 37.72
CA PRO B 96 -2.06 -6.36 39.16
C PRO B 96 -0.84 -7.15 39.71
N SER B 97 -0.45 -8.25 39.06
CA SER B 97 0.79 -8.96 39.46
C SER B 97 2.05 -8.28 38.96
N VAL B 98 1.88 -7.31 38.05
CA VAL B 98 3.03 -6.69 37.45
C VAL B 98 3.56 -5.54 38.31
N TRP B 99 2.67 -4.90 39.10
CA TRP B 99 2.95 -3.62 39.79
C TRP B 99 4.08 -3.58 40.82
N SER B 100 4.32 -4.76 41.40
CA SER B 100 5.32 -5.03 42.38
C SER B 100 6.71 -4.91 41.73
N ILE B 101 6.80 -5.25 40.43
CA ILE B 101 8.00 -5.00 39.59
C ILE B 101 7.96 -3.56 39.06
N THR B 102 6.94 -3.21 38.27
CA THR B 102 6.79 -1.79 37.88
C THR B 102 5.33 -1.45 37.66
N ASP B 103 4.98 -0.19 37.90
CA ASP B 103 3.65 0.32 37.58
C ASP B 103 3.68 1.16 36.30
N GLY B 104 4.87 1.28 35.72
CA GLY B 104 5.10 1.98 34.45
C GLY B 104 5.83 3.29 34.74
N SER B 105 5.97 3.60 36.04
CA SER B 105 6.63 4.85 36.45
C SER B 105 8.17 4.97 36.26
N VAL B 106 8.73 4.49 35.14
CA VAL B 106 10.13 4.78 34.81
C VAL B 106 10.22 6.06 34.03
N SER B 107 11.11 6.94 34.47
CA SER B 107 11.08 8.35 34.08
C SER B 107 11.23 8.63 32.60
N VAL B 108 11.71 7.64 31.86
CA VAL B 108 12.03 7.81 30.45
C VAL B 108 10.87 7.40 29.48
N ILE B 109 9.94 6.60 30.03
CA ILE B 109 8.77 6.10 29.38
C ILE B 109 7.57 7.07 29.54
N GLN B 110 6.85 7.29 28.44
CA GLN B 110 5.68 8.16 28.35
C GLN B 110 4.73 7.48 27.41
N VAL B 111 3.46 7.59 27.69
CA VAL B 111 2.41 7.12 26.81
C VAL B 111 1.59 8.26 26.30
N ALA B 112 1.48 8.39 24.98
CA ALA B 112 0.57 9.39 24.34
C ALA B 112 -0.75 8.77 23.95
N VAL B 113 -1.82 9.46 24.41
CA VAL B 113 -3.20 9.14 24.12
C VAL B 113 -3.80 10.28 23.31
N LEU B 114 -3.99 10.01 22.02
CA LEU B 114 -4.48 10.99 21.06
C LEU B 114 -5.98 10.82 21.00
N ASP B 115 -6.70 11.65 21.75
CA ASP B 115 -8.13 11.47 21.87
C ASP B 115 -8.86 12.84 21.95
N THR B 116 -9.96 12.90 22.70
CA THR B 116 -10.72 14.10 22.94
C THR B 116 -10.11 15.04 23.96
N GLY B 117 -8.94 14.77 24.53
CA GLY B 117 -8.47 15.59 25.65
C GLY B 117 -8.56 14.85 26.96
N VAL B 118 -8.09 15.47 28.05
CA VAL B 118 -8.13 14.79 29.36
C VAL B 118 -8.67 15.70 30.42
N ASP B 119 -9.50 15.18 31.32
CA ASP B 119 -9.72 15.86 32.59
C ASP B 119 -8.38 15.82 33.39
N TYR B 120 -7.56 16.84 33.20
CA TYR B 120 -6.17 16.84 33.65
C TYR B 120 -6.04 17.08 35.16
N ASP B 121 -7.11 17.69 35.72
CA ASP B 121 -7.41 18.02 37.17
C ASP B 121 -7.73 16.77 38.02
N HIS B 122 -8.10 15.71 37.28
CA HIS B 122 -8.88 14.64 37.90
C HIS B 122 -8.08 14.05 39.04
N PRO B 123 -8.73 13.82 40.19
CA PRO B 123 -8.01 13.31 41.37
C PRO B 123 -7.33 11.97 41.12
N ASP B 124 -7.97 11.11 40.32
CA ASP B 124 -7.38 9.78 40.04
C ASP B 124 -6.49 9.74 38.78
N LEU B 125 -6.10 10.90 38.27
CA LEU B 125 -5.30 10.91 37.06
C LEU B 125 -4.19 11.93 37.05
N ALA B 126 -4.32 13.04 37.81
CA ALA B 126 -3.55 14.28 37.63
C ALA B 126 -2.10 14.03 37.76
N ALA B 127 -1.75 13.21 38.75
CA ALA B 127 -0.34 12.93 39.06
C ALA B 127 0.35 12.28 37.88
N ASN B 128 -0.39 11.57 37.01
CA ASN B 128 0.21 10.96 35.80
C ASN B 128 0.09 11.80 34.52
N ILE B 129 -0.61 12.94 34.57
CA ILE B 129 -0.60 13.82 33.41
C ILE B 129 0.62 14.75 33.33
N ALA B 130 1.51 14.42 32.38
CA ALA B 130 2.78 15.12 32.17
C ALA B 130 2.68 16.26 31.18
N TRP B 131 1.85 16.06 30.17
CA TRP B 131 1.80 16.93 29.07
C TRP B 131 0.38 16.98 28.53
N CYS B 132 -0.12 18.19 28.30
CA CYS B 132 -1.47 18.39 27.76
C CYS B 132 -1.38 19.34 26.53
N VAL B 133 -1.70 18.81 25.36
CA VAL B 133 -1.64 19.55 24.10
C VAL B 133 -2.91 19.33 23.29
N SER B 134 -3.10 20.17 22.27
CA SER B 134 -4.19 20.12 21.31
C SER B 134 -3.61 20.41 19.94
N THR B 135 -4.00 19.60 18.96
CA THR B 135 -3.63 19.81 17.60
C THR B 135 -4.83 20.15 16.71
N LEU B 136 -5.95 20.54 17.34
CA LEU B 136 -7.20 20.86 16.63
C LEU B 136 -7.15 22.06 15.68
N ARG B 137 -7.66 21.84 14.46
CA ARG B 137 -7.73 22.85 13.37
C ARG B 137 -6.37 23.25 12.91
N GLY B 138 -5.36 22.46 13.26
CA GLY B 138 -4.05 22.57 12.69
C GLY B 138 -3.22 23.60 13.43
N LYS B 139 -3.66 23.93 14.64
CA LYS B 139 -2.95 24.90 15.50
C LYS B 139 -2.57 24.19 16.80
N VAL B 140 -1.28 23.90 16.95
CA VAL B 140 -0.74 23.31 18.15
C VAL B 140 -0.87 24.24 19.35
N SER B 141 -1.52 23.73 20.40
CA SER B 141 -1.78 24.50 21.58
C SER B 141 -1.57 23.67 22.82
N THR B 142 -1.19 24.38 23.85
CA THR B 142 -0.70 23.81 25.03
C THR B 142 -1.42 24.46 26.25
N LYS B 143 -2.44 25.28 26.00
CA LYS B 143 -3.24 25.93 27.00
C LYS B 143 -4.25 25.00 27.61
N LEU B 144 -4.35 24.99 28.94
CA LEU B 144 -5.35 24.17 29.63
C LEU B 144 -6.78 24.33 29.07
N ARG B 145 -7.12 25.48 28.51
CA ARG B 145 -8.46 25.61 27.85
C ARG B 145 -8.60 24.82 26.55
N ASP B 146 -7.55 24.79 25.76
CA ASP B 146 -7.59 24.08 24.48
C ASP B 146 -7.37 22.59 24.68
N CYS B 147 -6.68 22.20 25.76
CA CYS B 147 -6.37 20.79 25.93
C CYS B 147 -7.44 19.98 26.71
N ALA B 148 -8.28 20.67 27.48
CA ALA B 148 -9.24 19.98 28.37
C ALA B 148 -10.26 19.11 27.60
N ASP B 149 -10.61 17.95 28.14
CA ASP B 149 -11.60 17.05 27.56
C ASP B 149 -12.98 17.72 27.56
N GLN B 150 -13.63 17.76 26.40
CA GLN B 150 -14.98 18.35 26.37
C GLN B 150 -16.01 17.33 25.99
N ASN B 151 -15.51 16.12 25.72
CA ASN B 151 -16.30 14.93 25.47
C ASN B 151 -16.35 13.96 26.66
N GLY B 152 -15.19 13.39 27.03
CA GLY B 152 -15.09 12.50 28.24
C GLY B 152 -14.48 11.17 27.91
N HIS B 153 -14.45 10.88 26.62
CA HIS B 153 -13.90 9.67 26.03
C HIS B 153 -12.39 9.55 26.27
N GLY B 154 -11.66 10.66 26.11
CA GLY B 154 -10.22 10.64 26.32
C GLY B 154 -9.82 10.40 27.75
N THR B 155 -10.47 11.09 28.68
CA THR B 155 -10.32 10.82 30.11
C THR B 155 -10.62 9.35 30.47
N HIS B 156 -11.62 8.77 29.82
CA HIS B 156 -12.02 7.44 30.21
C HIS B 156 -10.96 6.45 29.72
N VAL B 157 -10.55 6.61 28.47
CA VAL B 157 -9.42 5.89 27.86
C VAL B 157 -8.07 5.96 28.63
N ILE B 158 -7.76 7.15 29.14
CA ILE B 158 -6.56 7.43 29.85
C ILE B 158 -6.62 6.76 31.22
N GLY B 159 -7.76 6.86 31.91
CA GLY B 159 -7.97 6.15 33.20
C GLY B 159 -7.72 4.64 33.13
N THR B 160 -8.10 4.04 32.01
CA THR B 160 -7.87 2.63 31.80
C THR B 160 -6.36 2.41 31.69
N ILE B 161 -5.63 3.34 31.06
CA ILE B 161 -4.20 3.09 30.99
C ILE B 161 -3.58 3.37 32.33
N ALA B 162 -3.99 4.46 32.99
CA ALA B 162 -3.18 5.12 33.99
C ALA B 162 -3.88 5.75 35.20
N ALA B 163 -5.13 5.38 35.49
CA ALA B 163 -5.78 5.77 36.75
C ALA B 163 -4.88 5.30 37.89
N LEU B 164 -4.55 6.21 38.81
CA LEU B 164 -3.67 5.93 39.95
C LEU B 164 -4.12 4.72 40.81
N ASN B 165 -3.16 4.05 41.45
CA ASN B 165 -3.37 3.01 42.46
C ASN B 165 -3.29 3.65 43.84
N ASN B 166 -4.45 3.88 44.42
CA ASN B 166 -4.60 4.67 45.65
C ASN B 166 -5.93 4.29 46.31
N ASP B 167 -6.46 5.10 47.20
CA ASP B 167 -7.63 4.71 47.99
C ASP B 167 -9.00 5.16 47.37
N ILE B 168 -8.96 5.60 46.09
CA ILE B 168 -10.09 6.20 45.39
C ILE B 168 -10.16 5.79 43.92
N GLY B 169 -11.37 5.71 43.40
CA GLY B 169 -11.58 5.58 42.00
C GLY B 169 -11.39 4.22 41.39
N VAL B 170 -10.60 4.19 40.32
CA VAL B 170 -10.30 2.96 39.62
C VAL B 170 -8.80 2.78 39.65
N VAL B 171 -8.26 1.94 38.76
CA VAL B 171 -6.83 1.81 38.66
C VAL B 171 -6.56 1.39 37.26
N GLY B 172 -5.45 1.92 36.69
CA GLY B 172 -5.04 1.65 35.32
C GLY B 172 -4.25 0.38 35.20
N VAL B 173 -3.98 -0.04 33.95
CA VAL B 173 -3.10 -1.17 33.66
C VAL B 173 -1.68 -0.80 34.03
N ALA B 174 -1.34 0.48 33.89
CA ALA B 174 -0.05 0.90 34.29
C ALA B 174 -0.19 2.15 35.15
N PRO B 175 -0.51 1.98 36.45
CA PRO B 175 -1.02 3.13 37.21
C PRO B 175 0.01 4.18 37.58
N GLY B 176 1.20 4.10 37.04
CA GLY B 176 2.21 5.10 37.35
C GLY B 176 2.84 5.65 36.09
N VAL B 177 2.39 5.21 34.92
CA VAL B 177 2.98 5.63 33.65
C VAL B 177 2.63 7.09 33.35
N GLN B 178 3.64 7.85 32.92
CA GLN B 178 3.42 9.21 32.48
C GLN B 178 2.62 9.25 31.19
N ILE B 179 1.57 10.07 31.26
CA ILE B 179 0.69 10.33 30.12
C ILE B 179 0.93 11.70 29.43
N TYR B 180 0.86 11.64 28.11
CA TYR B 180 0.74 12.82 27.25
C TYR B 180 -0.68 12.80 26.65
N SER B 181 -1.50 13.81 26.96
CA SER B 181 -2.81 13.90 26.34
C SER B 181 -2.67 14.79 25.15
N VAL B 182 -2.86 14.22 23.95
CA VAL B 182 -2.87 14.97 22.72
C VAL B 182 -4.30 15.09 22.18
N ARG B 183 -4.87 16.29 22.25
CA ARG B 183 -6.25 16.42 21.83
C ARG B 183 -6.35 16.50 20.31
N VAL B 184 -6.83 15.41 19.69
CA VAL B 184 -6.98 15.36 18.23
C VAL B 184 -8.47 15.35 17.81
N LEU B 185 -9.38 15.22 18.79
CA LEU B 185 -10.82 15.04 18.52
C LEU B 185 -11.61 16.18 19.22
N ASP B 186 -12.61 16.72 18.57
CA ASP B 186 -13.38 17.80 19.13
C ASP B 186 -14.43 17.25 20.14
N ALA B 187 -15.27 18.16 20.64
CA ALA B 187 -16.16 17.87 21.74
C ALA B 187 -17.21 16.84 21.32
N ARG B 188 -17.25 16.52 20.01
CA ARG B 188 -18.13 15.47 19.52
C ARG B 188 -17.41 14.13 19.32
N GLY B 189 -16.09 14.09 19.45
CA GLY B 189 -15.34 12.85 19.27
C GLY B 189 -15.06 12.60 17.80
N SER B 190 -15.05 13.70 17.05
CA SER B 190 -14.85 13.71 15.59
C SER B 190 -13.49 14.28 15.38
N GLY B 191 -12.71 13.75 14.44
CA GLY B 191 -11.53 14.56 14.05
C GLY B 191 -11.10 14.53 12.61
N SER B 192 -10.16 15.37 12.27
CA SER B 192 -9.58 15.18 10.98
C SER B 192 -8.24 14.42 11.03
N TYR B 193 -8.08 13.51 10.08
CA TYR B 193 -6.81 12.87 9.80
C TYR B 193 -5.59 13.82 9.90
N SER B 194 -5.72 15.07 9.40
CA SER B 194 -4.65 16.09 9.48
C SER B 194 -4.31 16.51 10.91
N ASP B 195 -5.31 16.69 11.78
CA ASP B 195 -5.03 17.06 13.17
C ASP B 195 -4.42 15.81 13.91
N ILE B 196 -4.74 14.61 13.42
CA ILE B 196 -4.26 13.34 14.03
C ILE B 196 -2.77 13.10 13.69
N ALA B 197 -2.40 13.31 12.43
CA ALA B 197 -1.01 13.38 11.98
C ALA B 197 -0.13 14.47 12.68
N ILE B 198 -0.59 15.71 12.75
CA ILE B 198 0.08 16.69 13.61
C ILE B 198 0.17 16.13 15.06
N GLY B 199 -0.87 15.39 15.47
CA GLY B 199 -0.92 14.74 16.80
C GLY B 199 0.15 13.68 17.03
N ILE B 200 0.41 12.79 16.06
CA ILE B 200 1.47 11.80 16.13
C ILE B 200 2.82 12.49 16.12
N GLU B 201 2.98 13.50 15.26
CA GLU B 201 4.20 14.32 15.21
C GLU B 201 4.51 14.90 16.57
N GLN B 202 3.52 15.61 17.10
CA GLN B 202 3.61 16.14 18.48
C GLN B 202 4.05 15.13 19.51
N ALA B 203 3.59 13.87 19.37
CA ALA B 203 3.92 12.75 20.32
C ALA B 203 5.37 12.26 20.30
N ILE B 204 5.94 12.23 19.09
CA ILE B 204 7.36 11.89 18.86
C ILE B 204 8.26 13.05 19.28
N LEU B 205 7.80 14.27 19.02
CA LEU B 205 8.54 15.48 19.42
C LEU B 205 8.56 15.63 20.91
N GLY B 206 7.45 15.35 21.59
CA GLY B 206 7.34 15.43 23.05
C GLY B 206 7.42 16.87 23.47
N PRO B 207 7.27 17.15 24.80
CA PRO B 207 7.25 18.46 25.45
C PRO B 207 8.32 19.47 24.99
N ASP B 208 9.55 19.02 24.81
CA ASP B 208 10.66 19.96 24.58
C ASP B 208 10.56 20.56 23.21
N GLY B 209 9.64 19.97 22.43
CA GLY B 209 9.36 20.41 21.05
C GLY B 209 10.36 19.92 20.01
N VAL B 210 11.36 19.16 20.45
CA VAL B 210 12.42 18.71 19.54
C VAL B 210 12.51 17.22 19.56
N ALA B 211 12.55 16.63 18.38
CA ALA B 211 13.00 15.26 18.19
C ALA B 211 14.48 15.49 17.96
N ASP B 212 15.27 14.87 18.83
CA ASP B 212 16.72 15.00 18.78
C ASP B 212 17.39 13.74 18.18
N ASP B 222 17.88 6.76 17.46
CA ASP B 222 17.18 7.75 18.37
C ASP B 222 16.43 8.98 17.80
N PRO B 223 15.43 9.59 18.54
CA PRO B 223 15.24 10.73 19.51
C PRO B 223 15.37 10.70 21.05
N ASP B 224 15.21 11.89 21.63
CA ASP B 224 15.46 12.11 23.03
C ASP B 224 14.44 11.45 24.00
N ALA B 225 14.68 11.62 25.30
CA ALA B 225 13.97 10.91 26.35
C ALA B 225 12.46 11.19 26.42
N ASP B 226 12.05 12.43 26.09
CA ASP B 226 10.66 12.84 26.29
C ASP B 226 9.75 12.52 25.14
N ALA B 227 10.23 11.68 24.24
CA ALA B 227 9.42 11.21 23.15
C ALA B 227 8.56 9.97 23.60
N ALA B 228 7.29 9.91 23.17
CA ALA B 228 6.37 8.84 23.54
C ALA B 228 6.97 7.51 23.18
N GLU B 229 6.69 6.45 23.98
CA GLU B 229 7.10 5.04 23.67
C GLU B 229 5.97 4.23 23.08
N VAL B 230 4.76 4.70 23.40
CA VAL B 230 3.48 4.25 22.85
C VAL B 230 2.66 5.49 22.44
N ILE B 231 2.04 5.33 21.28
CA ILE B 231 1.07 6.27 20.74
C ILE B 231 -0.26 5.48 20.64
N SER B 232 -1.29 6.00 21.28
CA SER B 232 -2.52 5.24 21.48
C SER B 232 -3.70 6.02 20.82
N MET B 233 -4.48 5.28 20.04
CA MET B 233 -5.47 5.84 19.18
C MET B 233 -6.81 5.08 19.22
N SER B 234 -7.74 5.59 20.01
CA SER B 234 -9.04 4.93 20.22
C SER B 234 -10.03 5.53 19.27
N LEU B 235 -9.62 5.53 18.02
CA LEU B 235 -10.31 6.19 16.95
C LEU B 235 -9.98 5.49 15.62
N GLY B 236 -10.80 5.79 14.61
CA GLY B 236 -10.63 5.26 13.25
C GLY B 236 -11.49 5.97 12.24
N GLY B 237 -11.16 5.75 10.96
CA GLY B 237 -11.93 6.19 9.79
C GLY B 237 -11.70 5.17 8.67
N PRO B 238 -12.58 5.09 7.67
CA PRO B 238 -12.36 4.24 6.47
C PRO B 238 -11.20 4.63 5.58
N ALA B 239 -10.84 5.90 5.55
CA ALA B 239 -9.84 6.33 4.58
C ALA B 239 -8.37 5.96 4.95
N ASP B 240 -7.58 5.75 3.92
CA ASP B 240 -6.19 5.42 3.96
C ASP B 240 -5.40 6.52 3.21
N ASP B 241 -4.73 7.37 3.95
CA ASP B 241 -4.01 8.46 3.33
C ASP B 241 -2.48 8.30 3.50
N SER B 242 -1.72 8.46 2.40
CA SER B 242 -0.22 8.34 2.36
C SER B 242 0.46 9.13 3.42
N TYR B 243 0.19 10.41 3.48
CA TYR B 243 0.83 11.22 4.51
C TYR B 243 0.63 10.67 5.95
N LEU B 244 -0.55 10.10 6.26
CA LEU B 244 -0.83 9.68 7.63
C LEU B 244 0.01 8.44 7.81
N TYR B 245 0.07 7.65 6.75
CA TYR B 245 0.87 6.45 6.79
C TYR B 245 2.34 6.76 6.94
N ASP B 246 2.84 7.85 6.34
CA ASP B 246 4.26 8.26 6.50
C ASP B 246 4.54 8.68 7.91
N MET B 247 3.58 9.34 8.56
CA MET B 247 3.78 9.74 9.94
C MET B 247 3.84 8.52 10.86
N ILE B 248 3.07 7.50 10.48
CA ILE B 248 2.99 6.28 11.24
C ILE B 248 4.32 5.58 11.02
N ILE B 249 4.76 5.56 9.76
CA ILE B 249 6.04 4.98 9.46
C ILE B 249 7.15 5.68 10.27
N GLN B 250 7.24 7.01 10.25
CA GLN B 250 8.19 7.74 11.15
C GLN B 250 8.16 7.34 12.61
N ALA B 251 6.98 7.16 13.20
CA ALA B 251 6.84 6.68 14.60
C ALA B 251 7.48 5.30 14.80
N TYR B 252 7.12 4.36 13.95
CA TYR B 252 7.58 3.00 14.06
C TYR B 252 9.09 2.97 14.03
N ASN B 253 9.69 3.54 12.98
CA ASN B 253 11.15 3.65 12.85
C ASN B 253 11.84 4.35 14.06
N ALA B 254 11.12 5.21 14.80
CA ALA B 254 11.63 5.80 16.05
C ALA B 254 11.62 4.80 17.20
N GLY B 255 11.07 3.61 16.90
CA GLY B 255 10.97 2.53 17.88
C GLY B 255 9.81 2.73 18.82
N ILE B 256 8.81 3.48 18.34
CA ILE B 256 7.61 3.85 19.11
C ILE B 256 6.50 2.86 18.76
N VAL B 257 5.87 2.29 19.80
CA VAL B 257 4.84 1.30 19.57
C VAL B 257 3.52 2.05 19.32
N ILE B 258 2.79 1.61 18.29
CA ILE B 258 1.52 2.29 17.93
C ILE B 258 0.37 1.36 18.06
N VAL B 259 -0.62 1.80 18.84
CA VAL B 259 -1.75 0.91 19.20
C VAL B 259 -3.06 1.52 18.76
N ALA B 260 -3.90 0.77 18.09
CA ALA B 260 -5.16 1.38 17.66
C ALA B 260 -6.41 0.47 17.55
N ALA B 261 -7.55 1.12 17.75
CA ALA B 261 -8.83 0.49 17.81
C ALA B 261 -9.16 -0.19 16.51
N SER B 262 -9.44 -1.47 16.55
CA SER B 262 -9.95 -2.21 15.37
C SER B 262 -11.09 -1.51 14.60
N GLY B 263 -12.02 -0.87 15.32
CA GLY B 263 -13.24 -0.42 14.72
C GLY B 263 -14.47 -1.12 15.29
N ASN B 264 -15.59 -0.45 15.13
CA ASN B 264 -16.86 -0.82 15.79
C ASN B 264 -18.00 -1.05 14.77
N GLU B 265 -17.69 -1.60 13.61
CA GLU B 265 -18.72 -1.70 12.57
C GLU B 265 -18.96 -3.14 12.25
N GLY B 266 -18.32 -4.06 12.98
CA GLY B 266 -18.43 -5.50 12.73
C GLY B 266 -17.96 -5.85 11.32
N ALA B 267 -16.93 -5.13 10.85
CA ALA B 267 -16.42 -5.16 9.52
C ALA B 267 -15.42 -6.29 9.38
N PRO B 268 -15.12 -6.73 8.11
CA PRO B 268 -14.25 -7.92 7.90
C PRO B 268 -12.75 -7.71 8.14
N SER B 269 -12.32 -6.48 8.25
CA SER B 269 -10.91 -6.19 8.48
C SER B 269 -10.80 -4.88 9.32
N PRO B 270 -9.65 -4.58 9.93
CA PRO B 270 -9.56 -3.34 10.73
C PRO B 270 -9.73 -1.97 10.06
N SER B 271 -10.10 -0.99 10.88
CA SER B 271 -10.12 0.42 10.48
C SER B 271 -8.75 1.10 10.38
N TYR B 272 -8.70 2.34 9.90
CA TYR B 272 -7.45 3.12 9.90
C TYR B 272 -7.36 4.07 11.08
N PRO B 273 -6.17 4.17 11.71
CA PRO B 273 -4.87 3.60 11.35
C PRO B 273 -4.54 2.15 11.82
N ALA B 274 -5.49 1.43 12.44
CA ALA B 274 -5.19 0.13 13.02
C ALA B 274 -4.82 -0.87 11.94
N ALA B 275 -5.35 -0.68 10.73
CA ALA B 275 -5.09 -1.58 9.62
C ALA B 275 -3.65 -1.51 9.07
N TYR B 276 -2.90 -0.43 9.38
CA TYR B 276 -1.48 -0.35 9.00
C TYR B 276 -0.62 -1.52 9.61
N PRO B 277 0.21 -2.16 8.77
CA PRO B 277 1.05 -3.22 9.32
C PRO B 277 1.85 -2.81 10.56
N GLU B 278 2.18 -1.52 10.72
CA GLU B 278 3.01 -1.05 11.87
C GLU B 278 2.26 -0.60 13.12
N VAL B 279 0.92 -0.69 13.06
CA VAL B 279 0.06 -0.39 14.19
C VAL B 279 -0.53 -1.70 14.71
N ILE B 280 -0.72 -1.76 16.01
CA ILE B 280 -1.44 -2.87 16.60
C ILE B 280 -2.98 -2.63 16.58
N ALA B 281 -3.70 -3.45 15.83
CA ALA B 281 -5.16 -3.49 15.79
C ALA B 281 -5.74 -4.21 16.96
N VAL B 282 -6.54 -3.51 17.75
CA VAL B 282 -7.14 -4.08 18.97
C VAL B 282 -8.65 -4.21 18.86
N GLY B 283 -9.13 -5.45 19.04
CA GLY B 283 -10.54 -5.74 19.12
C GLY B 283 -11.04 -6.00 20.52
N ALA B 284 -12.37 -6.02 20.66
CA ALA B 284 -13.03 -5.98 21.98
C ALA B 284 -13.63 -7.31 22.48
N ILE B 285 -13.28 -7.74 23.68
CA ILE B 285 -13.92 -8.92 24.28
C ILE B 285 -14.86 -8.42 25.43
N ASP B 286 -15.91 -9.20 25.74
CA ASP B 286 -16.82 -8.98 26.87
C ASP B 286 -16.37 -9.79 28.07
N SER B 287 -17.03 -9.60 29.22
CA SER B 287 -16.73 -10.39 30.43
C SER B 287 -16.86 -11.92 30.30
N ASN B 288 -17.61 -12.40 29.29
CA ASN B 288 -17.68 -13.88 28.99
C ASN B 288 -16.62 -14.40 28.02
N ASP B 289 -15.71 -13.53 27.62
CA ASP B 289 -14.61 -13.84 26.67
C ASP B 289 -15.07 -14.05 25.21
N ASN B 290 -16.26 -13.54 24.93
CA ASN B 290 -16.74 -13.54 23.57
C ASN B 290 -16.26 -12.25 22.98
N ILE B 291 -15.89 -12.29 21.72
CA ILE B 291 -15.66 -11.06 20.94
C ILE B 291 -16.97 -10.24 20.71
N ALA B 292 -16.94 -8.96 21.10
CA ALA B 292 -18.07 -8.03 20.86
C ALA B 292 -18.41 -7.98 19.39
N SER B 293 -19.69 -7.93 19.08
CA SER B 293 -20.10 -8.01 17.68
C SER B 293 -19.89 -6.72 16.87
N PHE B 294 -19.65 -5.60 17.56
CA PHE B 294 -19.24 -4.39 16.84
C PHE B 294 -17.77 -4.42 16.38
N SER B 295 -16.95 -5.25 17.02
CA SER B 295 -15.51 -5.34 16.80
C SER B 295 -15.17 -5.69 15.36
N ASN B 296 -14.46 -4.81 14.71
CA ASN B 296 -14.01 -5.14 13.36
C ASN B 296 -13.08 -6.40 13.43
N ARG B 297 -13.20 -7.27 12.44
CA ARG B 297 -12.54 -8.59 12.44
C ARG B 297 -11.07 -8.55 11.94
N GLN B 298 -10.35 -9.66 12.06
CA GLN B 298 -8.92 -9.70 11.81
C GLN B 298 -8.13 -8.65 12.59
N PRO B 299 -8.36 -8.52 13.92
CA PRO B 299 -7.43 -7.63 14.68
C PRO B 299 -6.07 -8.34 14.87
N GLU B 300 -5.10 -7.62 15.45
CA GLU B 300 -3.85 -8.24 15.87
C GLU B 300 -4.02 -8.89 17.20
N VAL B 301 -4.54 -8.16 18.18
CA VAL B 301 -4.82 -8.75 19.49
C VAL B 301 -6.24 -8.35 19.96
N SER B 302 -6.71 -8.92 21.07
CA SER B 302 -7.97 -8.44 21.64
C SER B 302 -7.85 -8.12 23.12
N ALA B 303 -8.80 -7.39 23.67
CA ALA B 303 -8.73 -7.04 25.09
C ALA B 303 -10.12 -6.54 25.59
N PRO B 304 -10.32 -6.44 26.93
CA PRO B 304 -11.62 -6.01 27.48
C PRO B 304 -12.16 -4.70 26.85
N GLY B 305 -13.44 -4.69 26.45
CA GLY B 305 -13.97 -3.61 25.63
C GLY B 305 -15.48 -3.40 25.76
N VAL B 306 -16.08 -4.10 26.71
CA VAL B 306 -17.51 -4.03 26.98
C VAL B 306 -17.65 -3.87 28.49
N ASP B 307 -18.36 -2.81 28.91
CA ASP B 307 -18.62 -2.46 30.33
C ASP B 307 -17.34 -2.21 31.08
N ILE B 308 -16.63 -1.22 30.56
CA ILE B 308 -15.38 -0.76 31.13
C ILE B 308 -15.70 0.49 31.92
N LEU B 309 -15.58 0.35 33.22
CA LEU B 309 -15.65 1.54 34.03
C LEU B 309 -14.28 2.19 34.03
N SER B 310 -14.25 3.53 34.05
CA SER B 310 -13.02 4.23 34.19
C SER B 310 -13.34 5.64 34.61
N THR B 311 -12.35 6.54 34.57
CA THR B 311 -12.56 7.92 34.88
C THR B 311 -13.40 8.65 33.83
N TYR B 312 -13.97 9.81 34.23
CA TYR B 312 -14.83 10.60 33.36
C TYR B 312 -14.95 11.99 33.94
N PRO B 313 -15.04 13.03 33.07
CA PRO B 313 -15.13 14.39 33.60
C PRO B 313 -16.47 14.56 34.30
N ASP B 314 -16.64 15.50 35.25
CA ASP B 314 -15.55 16.29 35.87
C ASP B 314 -15.34 15.68 37.22
N ASP B 315 -14.20 15.03 37.40
CA ASP B 315 -13.79 14.36 38.64
C ASP B 315 -14.68 13.20 39.01
N SER B 316 -15.13 12.45 38.00
CA SER B 316 -15.98 11.27 38.24
C SER B 316 -15.65 10.02 37.41
N TYR B 317 -16.65 9.19 37.15
CA TYR B 317 -16.41 7.84 36.64
C TYR B 317 -17.57 7.41 35.78
N GLU B 318 -17.38 6.52 34.79
CA GLU B 318 -18.47 6.14 33.87
C GLU B 318 -18.06 4.86 33.18
N THR B 319 -19.03 4.16 32.59
CA THR B 319 -18.82 2.86 31.98
C THR B 319 -19.13 2.99 30.48
N LEU B 320 -18.18 2.52 29.66
CA LEU B 320 -18.27 2.61 28.21
C LEU B 320 -17.90 1.25 27.57
N MET B 321 -18.15 1.12 26.28
CA MET B 321 -17.76 -0.02 25.48
C MET B 321 -17.31 0.48 24.09
N GLY B 322 -16.57 -0.36 23.37
CA GLY B 322 -16.07 -0.06 22.04
C GLY B 322 -14.67 -0.54 22.01
N THR B 323 -14.13 -0.73 20.80
CA THR B 323 -12.72 -1.14 20.62
C THR B 323 -11.75 -0.04 21.10
N ALA B 324 -12.27 1.17 21.25
CA ALA B 324 -11.54 2.24 21.94
C ALA B 324 -11.27 2.01 23.42
N MET B 325 -11.96 1.05 24.05
CA MET B 325 -11.78 0.81 25.49
C MET B 325 -10.92 -0.42 25.69
N ALA B 326 -10.93 -1.28 24.67
CA ALA B 326 -10.07 -2.41 24.58
C ALA B 326 -8.67 -1.93 24.31
N THR B 327 -8.55 -0.91 23.45
CA THR B 327 -7.27 -0.26 23.09
C THR B 327 -6.37 0.20 24.28
N PRO B 328 -6.87 1.08 25.17
CA PRO B 328 -6.00 1.47 26.28
C PRO B 328 -5.45 0.29 27.11
N HIS B 329 -6.15 -0.85 27.19
CA HIS B 329 -5.59 -2.06 27.86
C HIS B 329 -4.25 -2.54 27.25
N VAL B 330 -4.15 -2.57 25.93
CA VAL B 330 -2.99 -3.11 25.23
C VAL B 330 -1.87 -2.08 25.24
N SER B 331 -2.23 -0.80 25.17
CA SER B 331 -1.25 0.23 25.40
C SER B 331 -0.68 0.14 26.81
N GLY B 332 -1.49 -0.25 27.78
CA GLY B 332 -1.06 -0.35 29.17
C GLY B 332 -0.03 -1.45 29.41
N VAL B 333 -0.32 -2.60 28.79
CA VAL B 333 0.49 -3.76 28.79
C VAL B 333 1.84 -3.40 28.14
N VAL B 334 1.84 -2.68 26.99
CA VAL B 334 3.09 -2.28 26.43
C VAL B 334 3.84 -1.29 27.31
N ALA B 335 3.16 -0.39 28.04
CA ALA B 335 3.94 0.47 28.97
C ALA B 335 4.65 -0.41 30.02
N LEU B 336 3.93 -1.37 30.58
CA LEU B 336 4.54 -2.33 31.55
C LEU B 336 5.74 -3.12 30.99
N ILE B 337 5.59 -3.63 29.78
CA ILE B 337 6.65 -4.32 29.08
C ILE B 337 7.86 -3.43 28.98
N GLN B 338 7.70 -2.26 28.36
CA GLN B 338 8.81 -1.29 28.17
C GLN B 338 9.45 -0.80 29.45
N ALA B 339 8.63 -0.39 30.41
CA ALA B 339 9.13 0.10 31.69
C ALA B 339 9.92 -0.98 32.47
N ALA B 340 9.45 -2.25 32.42
CA ALA B 340 10.10 -3.30 33.20
C ALA B 340 11.43 -3.62 32.55
N TYR B 341 11.41 -3.71 31.23
CA TYR B 341 12.60 -4.00 30.44
C TYR B 341 13.68 -2.94 30.62
N TYR B 342 13.29 -1.68 30.61
CA TYR B 342 14.31 -0.60 30.79
C TYR B 342 14.76 -0.60 32.26
N GLN B 343 13.88 -0.97 33.17
CA GLN B 343 14.22 -1.01 34.59
C GLN B 343 15.41 -1.93 34.89
N LYS B 344 15.40 -3.10 34.24
CA LYS B 344 16.37 -4.19 34.41
C LYS B 344 17.59 -4.09 33.45
N TYR B 345 17.36 -4.09 32.13
CA TYR B 345 18.43 -3.86 31.15
C TYR B 345 18.53 -2.35 30.89
N GLY B 346 19.45 -1.88 30.09
CA GLY B 346 19.39 -0.39 30.03
C GLY B 346 18.61 0.25 28.90
N LYS B 347 17.53 -0.36 28.45
CA LYS B 347 17.03 -0.18 27.09
C LYS B 347 15.61 -0.74 27.00
N ILE B 348 14.93 -0.48 25.85
CA ILE B 348 13.58 -0.96 25.55
C ILE B 348 13.62 -2.04 24.44
N LEU B 349 12.57 -2.83 24.28
CA LEU B 349 12.55 -3.79 23.17
C LEU B 349 12.14 -3.14 21.80
N PRO B 350 12.63 -3.66 20.66
CA PRO B 350 12.09 -3.15 19.37
C PRO B 350 10.61 -3.49 19.19
N VAL B 351 9.90 -2.66 18.41
CA VAL B 351 8.45 -2.80 18.30
C VAL B 351 7.99 -4.16 17.72
N GLY B 352 8.71 -4.65 16.72
CA GLY B 352 8.39 -5.93 16.14
C GLY B 352 7.38 -5.79 15.02
N THR B 353 6.94 -6.95 14.52
CA THR B 353 6.07 -6.98 13.38
C THR B 353 4.73 -7.71 13.68
N PHE B 354 3.76 -7.43 12.81
CA PHE B 354 2.40 -7.91 12.98
C PHE B 354 2.23 -9.45 13.16
N ASP B 355 3.09 -10.23 12.51
CA ASP B 355 3.07 -11.67 12.67
C ASP B 355 4.31 -12.27 13.40
N ASP B 356 4.94 -11.50 14.26
CA ASP B 356 6.12 -11.97 14.99
C ASP B 356 5.69 -12.96 16.06
N ILE B 357 6.51 -13.98 16.24
CA ILE B 357 6.26 -15.04 17.23
C ILE B 357 7.51 -15.35 18.05
N SER B 358 8.32 -14.33 18.29
CA SER B 358 9.59 -14.42 19.01
C SER B 358 9.55 -13.62 20.33
N LYS B 359 10.62 -13.70 21.11
CA LYS B 359 10.61 -13.12 22.44
C LYS B 359 11.48 -11.88 22.57
N ASN B 360 11.89 -11.33 21.41
CA ASN B 360 12.89 -10.26 21.28
C ASN B 360 12.24 -8.90 20.92
N THR B 361 10.92 -8.86 21.02
CA THR B 361 10.12 -7.89 20.33
C THR B 361 8.79 -7.75 21.12
N VAL B 362 8.42 -6.49 21.43
CA VAL B 362 7.14 -6.13 22.03
C VAL B 362 5.96 -6.81 21.36
N ARG B 363 5.87 -6.68 20.04
CA ARG B 363 4.77 -7.37 19.34
C ARG B 363 4.83 -8.93 19.41
N GLY B 364 6.01 -9.53 19.26
CA GLY B 364 6.18 -10.99 19.41
C GLY B 364 5.73 -11.52 20.78
N ILE B 365 6.10 -10.83 21.86
CA ILE B 365 5.77 -11.21 23.24
C ILE B 365 4.26 -11.10 23.43
N LEU B 366 3.68 -9.98 22.96
CA LEU B 366 2.21 -9.81 22.96
C LEU B 366 1.52 -11.01 22.32
N HIS B 367 2.02 -11.41 21.14
CA HIS B 367 1.43 -12.53 20.40
C HIS B 367 1.60 -13.87 21.13
N ILE B 368 2.84 -14.17 21.53
CA ILE B 368 3.06 -15.51 22.12
C ILE B 368 2.59 -15.65 23.56
N THR B 369 2.32 -14.54 24.26
CA THR B 369 1.80 -14.61 25.63
C THR B 369 0.31 -14.24 25.75
N ALA B 370 -0.37 -14.08 24.62
CA ALA B 370 -1.80 -13.86 24.65
C ALA B 370 -2.57 -15.17 24.87
N ASP B 371 -3.66 -15.07 25.65
CA ASP B 371 -4.66 -16.10 25.86
C ASP B 371 -5.25 -16.44 24.50
N ASP B 372 -4.84 -17.58 23.99
CA ASP B 372 -5.26 -18.02 22.68
C ASP B 372 -6.66 -18.61 22.81
N LEU B 373 -7.66 -17.76 22.65
CA LEU B 373 -9.05 -18.25 22.64
C LEU B 373 -9.44 -18.62 21.20
N GLY B 374 -10.65 -19.14 21.03
CA GLY B 374 -11.11 -19.49 19.67
C GLY B 374 -10.32 -20.62 19.00
N PRO B 375 -10.50 -20.78 17.67
CA PRO B 375 -9.68 -21.59 16.82
C PRO B 375 -8.21 -21.40 17.20
N THR B 376 -7.34 -22.34 16.84
CA THR B 376 -6.03 -22.39 17.47
C THR B 376 -5.06 -21.23 17.26
N GLY B 377 -4.82 -20.80 16.04
CA GLY B 377 -3.76 -19.73 15.97
C GLY B 377 -4.31 -18.32 16.18
N TRP B 378 -3.65 -17.35 15.57
CA TRP B 378 -4.30 -16.10 15.26
C TRP B 378 -5.58 -16.48 14.50
N ASP B 379 -6.71 -15.91 14.88
CA ASP B 379 -7.96 -16.02 14.10
C ASP B 379 -8.62 -14.65 13.90
N ALA B 380 -9.47 -14.57 12.88
CA ALA B 380 -10.17 -13.36 12.46
C ALA B 380 -11.05 -12.67 13.57
N ASP B 381 -11.41 -13.41 14.64
CA ASP B 381 -12.11 -12.80 15.80
C ASP B 381 -11.17 -12.19 16.91
N TYR B 382 -10.36 -13.02 17.55
CA TYR B 382 -9.53 -12.56 18.71
C TYR B 382 -8.13 -12.05 18.32
N GLY B 383 -7.75 -12.26 17.06
CA GLY B 383 -6.37 -12.08 16.64
C GLY B 383 -5.54 -13.19 17.29
N TYR B 384 -4.37 -12.85 17.83
CA TYR B 384 -3.61 -13.79 18.70
C TYR B 384 -4.30 -14.12 20.04
N GLY B 385 -5.15 -13.23 20.51
CA GLY B 385 -5.98 -13.54 21.63
C GLY B 385 -5.84 -12.43 22.64
N VAL B 386 -6.31 -12.70 23.85
CA VAL B 386 -6.41 -11.65 24.88
C VAL B 386 -5.07 -11.38 25.54
N VAL B 387 -4.52 -10.19 25.33
CA VAL B 387 -3.21 -9.78 25.95
C VAL B 387 -3.13 -10.06 27.46
N ARG B 388 -1.96 -10.48 27.97
CA ARG B 388 -1.78 -10.74 29.43
C ARG B 388 -0.48 -10.12 29.92
N ALA B 389 -0.57 -9.14 30.85
CA ALA B 389 0.61 -8.31 31.13
C ALA B 389 1.62 -9.13 31.83
N ALA B 390 1.15 -9.94 32.80
CA ALA B 390 2.03 -10.72 33.67
C ALA B 390 2.91 -11.72 32.92
N LEU B 391 2.34 -12.45 31.95
CA LEU B 391 3.11 -13.38 31.09
C LEU B 391 3.95 -12.63 30.06
N ALA B 392 3.46 -11.45 29.64
CA ALA B 392 4.29 -10.54 28.82
C ALA B 392 5.58 -10.12 29.53
N VAL B 393 5.50 -9.81 30.81
CA VAL B 393 6.67 -9.26 31.49
C VAL B 393 7.73 -10.34 31.77
N GLN B 394 7.32 -11.38 32.48
CA GLN B 394 8.06 -12.65 32.55
C GLN B 394 8.82 -13.08 31.28
N ALA B 395 8.14 -13.19 30.16
CA ALA B 395 8.77 -13.45 28.87
C ALA B 395 9.82 -12.43 28.51
N ALA B 396 9.54 -11.17 28.79
CA ALA B 396 10.46 -10.06 28.43
C ALA B 396 11.72 -10.07 29.31
N LEU B 397 11.48 -10.24 30.60
CA LEU B 397 12.52 -10.24 31.62
C LEU B 397 13.26 -11.54 31.75
N GLY B 398 12.83 -12.56 30.98
CA GLY B 398 13.33 -13.94 31.06
C GLY B 398 14.63 -14.24 30.31
CA CA C . 21.02 -4.21 -36.68
CA CA D . -2.73 15.00 -24.31
CA CA E . -4.85 12.61 -9.88
CA CA F . -12.89 -12.47 -19.23
CA CA G . -16.73 -15.39 -29.03
CA CA H . -9.97 -7.77 -25.62
CA CA I . -7.32 4.97 41.99
CA CA J . -7.28 -18.10 18.45
CA CA K . -11.57 18.21 36.79
CA CA L . 10.29 8.32 26.05
CA CA M . 11.93 15.56 22.39
#